data_4WSE
#
_entry.id   4WSE
#
_cell.length_a   200.030
_cell.length_b   69.650
_cell.length_c   97.490
_cell.angle_alpha   90.000
_cell.angle_beta   105.750
_cell.angle_gamma   90.000
#
_symmetry.space_group_name_H-M   'C 1 2 1'
#
loop_
_entity.id
_entity.type
_entity.pdbx_description
1 polymer 'Putative poly(A) polymerase catalytic subunit'
2 water water
#
_entity_poly.entity_id   1
_entity_poly.type   'polypeptide(L)'
_entity_poly.pdbx_seq_one_letter_code
;MLKNKTRAEKYQTYYTTNEYQIVKEKLPDIIRDAEIKASEVLEPTIYEKRAIMEVIKDFIRDHQRKVYGGTALNEALKQV
NPKDAIYDNYSFSDIEFYSPTPVQDLVDLCNILYRKGYKFVQGKDAQHEETYSIFVNFQLYCDITYSPTRVFYGIKTIEI
DGINYTDPHFMLIDYLRMVNQPLTAAGQRWEKAFERMYRLLKDYPIEDFDKRLDIPEPPEEIQSYISRIKTEFLSDNKLN
ESFLISGIEAYNFYIRHAASSKDEEQMARTNRNVVNLNNFIANVPFSELISVNYREDVKNTYNFLRMIVEDKEKISVDEY
FPLFQFTGYSTVIKYDDHPIIRIYEGDGYCIPNVKTVKTVENDNGTKTKYEYKYVSFQYVLMILYINKFRAHLDKNKPMY
FNYGIAISNLVKARNIYLDQTGKSVLDNTVFKEFRTNCTGNTISFTRMNRLRLLEKRKQGKQTSFVYTPEDFFKKDLETQ
AKLDPSKARFKNTSGNKIMVPKYLLFKIDNNGNIEDNIHSEEAEISEKEETSGGSSISTDKSFEESPNSSPNSSPNNSLN
NSIDISTNNYDDRSENSLDSLTSD
;
_entity_poly.pdbx_strand_id   A,B
#
# COMPACT_ATOMS: atom_id res chain seq x y z
N GLU A 9 -6.33 37.50 -22.29
CA GLU A 9 -6.08 36.27 -21.52
C GLU A 9 -6.81 36.30 -20.17
N LYS A 10 -8.16 36.22 -20.19
CA LYS A 10 -9.04 36.22 -19.01
C LYS A 10 -9.24 34.82 -18.45
N TYR A 11 -9.20 34.67 -17.11
CA TYR A 11 -9.36 33.38 -16.45
C TYR A 11 -10.39 33.40 -15.32
N GLN A 12 -11.00 32.22 -15.07
CA GLN A 12 -12.00 31.94 -14.04
C GLN A 12 -11.37 31.18 -12.88
N THR A 13 -11.88 31.39 -11.65
CA THR A 13 -11.37 30.71 -10.46
C THR A 13 -12.34 29.63 -9.98
N TYR A 14 -11.97 28.35 -10.20
CA TYR A 14 -12.69 27.16 -9.74
C TYR A 14 -12.10 26.90 -8.36
N TYR A 15 -12.94 26.78 -7.31
CA TYR A 15 -12.55 26.61 -5.89
C TYR A 15 -11.91 27.92 -5.37
N THR A 16 -12.38 28.41 -4.23
CA THR A 16 -11.88 29.65 -3.65
C THR A 16 -11.55 29.49 -2.17
N THR A 17 -11.59 30.64 -1.48
CA THR A 17 -11.46 30.81 -0.05
C THR A 17 -12.87 31.31 0.41
N ASN A 18 -13.53 30.62 1.37
CA ASN A 18 -12.98 29.45 2.08
C ASN A 18 -13.51 28.13 1.52
N GLU A 19 -13.96 28.11 0.24
CA GLU A 19 -14.50 26.92 -0.42
C GLU A 19 -13.57 25.72 -0.34
N TYR A 20 -12.24 25.94 -0.46
CA TYR A 20 -11.24 24.87 -0.37
C TYR A 20 -11.27 24.23 1.01
N GLN A 21 -11.29 25.07 2.07
CA GLN A 21 -11.38 24.65 3.48
C GLN A 21 -12.62 23.79 3.68
N ILE A 22 -13.80 24.33 3.28
CA ILE A 22 -15.12 23.69 3.35
C ILE A 22 -15.05 22.23 2.87
N VAL A 23 -14.37 22.00 1.75
CA VAL A 23 -14.19 20.68 1.14
C VAL A 23 -13.33 19.79 2.04
N LYS A 24 -12.08 20.22 2.38
CA LYS A 24 -11.15 19.48 3.24
C LYS A 24 -11.79 19.01 4.54
N GLU A 25 -12.68 19.84 5.12
CA GLU A 25 -13.43 19.57 6.35
C GLU A 25 -14.32 18.33 6.21
N LYS A 26 -15.40 18.42 5.40
CA LYS A 26 -16.37 17.33 5.22
C LYS A 26 -15.86 16.15 4.39
N LEU A 27 -14.79 16.34 3.61
CA LEU A 27 -14.23 15.31 2.72
C LEU A 27 -14.00 13.93 3.37
N PRO A 28 -13.29 13.77 4.52
CA PRO A 28 -13.11 12.40 5.07
C PRO A 28 -14.43 11.76 5.52
N ASP A 29 -15.44 12.59 5.90
CA ASP A 29 -16.77 12.13 6.33
C ASP A 29 -17.51 11.55 5.12
N ILE A 30 -17.44 12.28 3.99
CA ILE A 30 -18.04 11.91 2.69
C ILE A 30 -17.40 10.63 2.17
N ILE A 31 -16.06 10.53 2.29
CA ILE A 31 -15.26 9.38 1.90
C ILE A 31 -15.72 8.17 2.72
N ARG A 32 -15.97 8.40 4.03
CA ARG A 32 -16.46 7.39 4.99
C ARG A 32 -17.86 6.94 4.56
N ASP A 33 -18.79 7.91 4.39
CA ASP A 33 -20.17 7.70 3.95
C ASP A 33 -20.24 6.91 2.64
N ALA A 34 -19.20 7.06 1.78
CA ALA A 34 -19.08 6.40 0.50
C ALA A 34 -18.57 4.99 0.67
N GLU A 35 -17.58 4.80 1.56
CA GLU A 35 -16.98 3.49 1.87
C GLU A 35 -18.03 2.57 2.49
N ILE A 36 -18.98 3.18 3.25
CA ILE A 36 -20.12 2.53 3.88
C ILE A 36 -21.00 1.93 2.79
N LYS A 37 -21.30 2.76 1.76
CA LYS A 37 -22.14 2.37 0.64
C LYS A 37 -21.48 1.29 -0.16
N ALA A 38 -20.18 1.47 -0.44
CA ALA A 38 -19.35 0.51 -1.16
C ALA A 38 -19.34 -0.87 -0.46
N SER A 39 -19.23 -0.88 0.88
CA SER A 39 -19.19 -2.09 1.69
C SER A 39 -20.54 -2.83 1.73
N GLU A 40 -21.63 -2.12 1.48
CA GLU A 40 -22.93 -2.75 1.55
C GLU A 40 -23.47 -3.24 0.19
N VAL A 41 -22.76 -2.95 -0.92
CA VAL A 41 -23.21 -3.28 -2.29
C VAL A 41 -22.12 -3.87 -3.21
N LEU A 42 -20.82 -3.59 -2.91
CA LEU A 42 -19.70 -4.08 -3.73
C LEU A 42 -19.11 -5.31 -3.11
N GLU A 43 -19.00 -6.34 -3.92
CA GLU A 43 -18.54 -7.67 -3.55
C GLU A 43 -17.01 -7.75 -3.35
N PRO A 44 -16.48 -8.28 -2.22
CA PRO A 44 -17.17 -8.80 -1.02
C PRO A 44 -17.72 -7.69 -0.15
N THR A 45 -18.97 -7.86 0.25
CA THR A 45 -19.67 -6.91 1.08
C THR A 45 -19.26 -7.10 2.55
N ILE A 46 -19.74 -6.21 3.41
CA ILE A 46 -19.45 -6.21 4.85
C ILE A 46 -20.00 -7.49 5.53
N TYR A 47 -21.02 -8.10 4.93
CA TYR A 47 -21.63 -9.32 5.41
C TYR A 47 -20.80 -10.54 4.98
N GLU A 48 -20.36 -10.63 3.71
CA GLU A 48 -19.45 -11.65 3.19
C GLU A 48 -18.19 -11.60 4.07
N LYS A 49 -17.72 -10.36 4.41
CA LYS A 49 -16.57 -10.08 5.26
C LYS A 49 -16.76 -10.77 6.62
N ARG A 50 -17.88 -10.44 7.33
CA ARG A 50 -18.27 -10.95 8.67
C ARG A 50 -18.36 -12.43 8.72
N ALA A 51 -18.87 -13.04 7.65
CA ALA A 51 -19.10 -14.46 7.44
C ALA A 51 -17.79 -15.20 7.39
N ILE A 52 -16.86 -14.80 6.48
CA ILE A 52 -15.54 -15.44 6.37
C ILE A 52 -14.78 -15.36 7.71
N MET A 53 -14.78 -14.16 8.35
CA MET A 53 -14.14 -13.89 9.65
C MET A 53 -14.61 -14.88 10.73
N GLU A 54 -15.94 -15.10 10.82
CA GLU A 54 -16.51 -16.02 11.82
C GLU A 54 -16.16 -17.45 11.51
N VAL A 55 -16.03 -17.83 10.22
CA VAL A 55 -15.57 -19.16 9.81
C VAL A 55 -14.11 -19.39 10.34
N ILE A 56 -13.20 -18.43 10.09
CA ILE A 56 -11.80 -18.48 10.53
C ILE A 56 -11.68 -18.44 12.06
N LYS A 57 -12.45 -17.54 12.73
CA LYS A 57 -12.52 -17.44 14.21
C LYS A 57 -12.93 -18.77 14.87
N ASP A 58 -13.77 -19.58 14.16
CA ASP A 58 -14.25 -20.92 14.57
C ASP A 58 -13.10 -21.91 14.49
N PHE A 59 -12.30 -21.85 13.41
CA PHE A 59 -11.12 -22.71 13.15
C PHE A 59 -10.02 -22.49 14.22
N ILE A 60 -9.78 -21.22 14.55
CA ILE A 60 -8.79 -20.83 15.54
C ILE A 60 -9.24 -21.42 16.88
N ARG A 61 -10.55 -21.31 17.21
CA ARG A 61 -11.10 -21.85 18.44
C ARG A 61 -10.88 -23.37 18.52
N ASP A 62 -11.18 -24.10 17.41
CA ASP A 62 -11.07 -25.55 17.24
C ASP A 62 -9.66 -26.09 17.46
N HIS A 63 -8.67 -25.54 16.72
CA HIS A 63 -7.28 -25.98 16.82
C HIS A 63 -6.50 -25.28 17.92
N GLN A 64 -7.13 -24.27 18.54
CA GLN A 64 -6.63 -23.44 19.64
C GLN A 64 -5.32 -22.81 19.28
N ARG A 65 -5.42 -21.88 18.36
CA ARG A 65 -4.25 -21.15 17.92
C ARG A 65 -4.21 -19.82 18.67
N LYS A 66 -3.07 -19.13 18.58
CA LYS A 66 -2.90 -17.90 19.30
C LYS A 66 -2.97 -16.68 18.38
N VAL A 67 -4.02 -15.87 18.52
CA VAL A 67 -4.25 -14.66 17.72
C VAL A 67 -3.42 -13.52 18.28
N TYR A 68 -2.72 -12.80 17.38
CA TYR A 68 -1.93 -11.61 17.68
C TYR A 68 -2.35 -10.45 16.71
N GLY A 69 -1.52 -9.43 16.55
CA GLY A 69 -1.82 -8.28 15.71
C GLY A 69 -3.02 -7.44 16.14
N GLY A 70 -3.55 -6.68 15.18
CA GLY A 70 -4.66 -5.75 15.35
C GLY A 70 -5.88 -6.37 15.96
N THR A 71 -6.18 -7.59 15.54
CA THR A 71 -7.35 -8.36 15.98
C THR A 71 -7.29 -8.66 17.47
N ALA A 72 -6.13 -9.07 17.98
CA ALA A 72 -6.04 -9.44 19.38
C ALA A 72 -6.21 -8.18 20.21
N LEU A 73 -5.41 -7.15 19.88
CA LEU A 73 -5.41 -5.85 20.52
C LEU A 73 -6.79 -5.23 20.56
N ASN A 74 -7.45 -5.13 19.39
CA ASN A 74 -8.81 -4.61 19.32
C ASN A 74 -9.68 -5.35 20.33
N GLU A 75 -9.72 -6.70 20.24
CA GLU A 75 -10.52 -7.58 21.11
C GLU A 75 -10.29 -7.35 22.61
N ALA A 76 -9.05 -7.23 23.00
CA ALA A 76 -8.54 -6.99 24.33
C ALA A 76 -8.90 -5.57 24.83
N LEU A 77 -8.66 -4.53 23.98
CA LEU A 77 -8.97 -3.12 24.33
C LEU A 77 -10.44 -3.03 24.58
N LYS A 78 -11.22 -3.74 23.75
CA LYS A 78 -12.65 -3.77 23.86
C LYS A 78 -13.13 -4.46 25.11
N GLN A 79 -12.44 -5.55 25.57
CA GLN A 79 -12.89 -6.26 26.79
C GLN A 79 -12.84 -5.32 27.97
N VAL A 80 -11.88 -4.37 27.95
CA VAL A 80 -11.70 -3.35 28.98
C VAL A 80 -12.66 -2.15 28.79
N ASN A 81 -12.78 -1.67 27.53
CA ASN A 81 -13.51 -0.47 27.14
C ASN A 81 -13.75 -0.56 25.64
N PRO A 82 -15.03 -0.65 25.20
CA PRO A 82 -15.30 -0.76 23.77
C PRO A 82 -14.94 0.51 23.03
N LYS A 83 -14.92 1.66 23.76
CA LYS A 83 -14.54 2.92 23.15
C LYS A 83 -13.11 2.90 22.73
N ASP A 84 -12.27 2.09 23.40
CA ASP A 84 -10.85 2.05 23.07
C ASP A 84 -10.54 1.13 21.91
N ALA A 85 -11.53 0.80 21.08
CA ALA A 85 -11.35 -0.04 19.91
C ALA A 85 -10.57 0.66 18.80
N ILE A 86 -9.61 -0.07 18.22
CA ILE A 86 -8.81 0.39 17.08
C ILE A 86 -9.54 0.12 15.73
N TYR A 87 -10.66 -0.64 15.75
CA TYR A 87 -11.48 -0.98 14.58
C TYR A 87 -12.99 -0.69 14.70
N ASP A 88 -13.56 -0.37 13.53
CA ASP A 88 -14.96 -0.09 13.18
C ASP A 88 -15.55 -1.42 12.72
N ASN A 89 -16.90 -1.57 12.64
CA ASN A 89 -17.37 -2.84 12.07
C ASN A 89 -17.29 -2.79 10.50
N TYR A 90 -16.68 -1.70 9.97
CA TYR A 90 -16.44 -1.51 8.54
C TYR A 90 -15.01 -1.87 8.14
N SER A 91 -14.11 -2.06 9.13
CA SER A 91 -12.70 -2.49 8.95
C SER A 91 -12.58 -3.94 8.38
N PHE A 92 -11.83 -4.08 7.25
CA PHE A 92 -11.60 -5.35 6.57
C PHE A 92 -10.38 -6.10 7.12
N SER A 93 -10.01 -5.74 8.40
CA SER A 93 -8.94 -6.22 9.29
C SER A 93 -8.48 -7.70 9.22
N ASP A 94 -7.16 -7.84 9.04
CA ASP A 94 -6.46 -9.10 8.93
C ASP A 94 -6.43 -9.85 10.25
N ILE A 95 -6.84 -11.12 10.26
CA ILE A 95 -6.76 -11.86 11.51
C ILE A 95 -5.56 -12.76 11.43
N GLU A 96 -4.51 -12.32 12.11
CA GLU A 96 -3.23 -12.99 12.20
C GLU A 96 -3.20 -13.91 13.40
N PHE A 97 -2.58 -15.08 13.26
CA PHE A 97 -2.42 -16.02 14.37
C PHE A 97 -1.18 -16.91 14.25
N TYR A 98 -0.63 -17.30 15.42
CA TYR A 98 0.53 -18.19 15.56
C TYR A 98 0.10 -19.67 15.52
N SER A 99 0.90 -20.54 14.86
CA SER A 99 0.63 -21.98 14.73
C SER A 99 1.91 -22.80 14.50
N PRO A 100 2.09 -23.94 15.18
CA PRO A 100 3.29 -24.76 14.94
C PRO A 100 3.21 -25.56 13.64
N THR A 101 1.98 -25.83 13.13
CA THR A 101 1.73 -26.51 11.84
C THR A 101 1.01 -25.51 10.91
N PRO A 102 1.68 -24.42 10.43
CA PRO A 102 0.95 -23.39 9.68
C PRO A 102 0.48 -23.76 8.29
N VAL A 103 1.30 -24.51 7.51
CA VAL A 103 0.93 -24.94 6.16
C VAL A 103 -0.21 -25.96 6.23
N GLN A 104 -0.22 -26.87 7.24
CA GLN A 104 -1.36 -27.78 7.39
C GLN A 104 -2.62 -26.96 7.74
N ASP A 105 -2.53 -25.98 8.70
CA ASP A 105 -3.63 -25.08 9.05
C ASP A 105 -4.15 -24.36 7.81
N LEU A 106 -3.23 -23.86 6.96
CA LEU A 106 -3.56 -23.16 5.71
C LEU A 106 -4.44 -24.02 4.83
N VAL A 107 -4.03 -25.29 4.61
CA VAL A 107 -4.74 -26.25 3.77
C VAL A 107 -6.13 -26.58 4.37
N ASP A 108 -6.22 -26.72 5.71
CA ASP A 108 -7.49 -27.01 6.38
C ASP A 108 -8.47 -25.85 6.25
N LEU A 109 -8.05 -24.63 6.65
CA LEU A 109 -8.87 -23.43 6.55
C LEU A 109 -9.22 -23.11 5.10
N CYS A 110 -8.33 -23.41 4.16
CA CYS A 110 -8.61 -23.20 2.74
C CYS A 110 -9.65 -24.18 2.24
N ASN A 111 -9.60 -25.44 2.72
CA ASN A 111 -10.58 -26.46 2.36
C ASN A 111 -11.95 -26.11 2.95
N ILE A 112 -12.01 -25.91 4.28
CA ILE A 112 -13.20 -25.51 5.03
C ILE A 112 -13.94 -24.35 4.32
N LEU A 113 -13.23 -23.25 3.98
CA LEU A 113 -13.80 -22.08 3.32
C LEU A 113 -14.34 -22.36 1.92
N TYR A 114 -13.65 -23.24 1.16
CA TYR A 114 -14.03 -23.61 -0.20
C TYR A 114 -15.32 -24.37 -0.17
N ARG A 115 -15.34 -25.45 0.66
CA ARG A 115 -16.47 -26.33 0.94
C ARG A 115 -17.68 -25.49 1.37
N LYS A 116 -17.47 -24.48 2.25
CA LYS A 116 -18.50 -23.54 2.72
C LYS A 116 -19.16 -22.73 1.57
N GLY A 117 -18.57 -22.81 0.37
CA GLY A 117 -19.12 -22.17 -0.81
C GLY A 117 -18.29 -21.13 -1.50
N TYR A 118 -17.52 -20.34 -0.73
CA TYR A 118 -16.70 -19.22 -1.22
C TYR A 118 -15.75 -19.54 -2.38
N LYS A 119 -15.36 -18.47 -3.05
CA LYS A 119 -14.45 -18.41 -4.21
C LYS A 119 -14.03 -16.95 -4.26
N PHE A 120 -12.78 -16.63 -4.56
CA PHE A 120 -11.71 -17.53 -4.94
C PHE A 120 -10.83 -17.70 -3.69
N VAL A 121 -10.94 -18.86 -3.02
CA VAL A 121 -10.22 -19.17 -1.77
C VAL A 121 -8.82 -19.54 -2.17
N GLN A 122 -7.83 -18.77 -1.69
CA GLN A 122 -6.43 -19.03 -2.00
C GLN A 122 -5.49 -18.86 -0.83
N GLY A 123 -4.59 -19.82 -0.70
CA GLY A 123 -3.55 -19.85 0.31
C GLY A 123 -2.18 -19.62 -0.30
N LYS A 124 -1.64 -18.42 -0.10
CA LYS A 124 -0.34 -18.01 -0.64
C LYS A 124 0.75 -18.05 0.45
N ASP A 125 2.01 -18.04 0.04
CA ASP A 125 3.17 -17.91 0.91
C ASP A 125 3.37 -16.38 0.93
N ALA A 126 3.13 -15.68 2.05
CA ALA A 126 3.29 -14.21 2.13
C ALA A 126 4.75 -13.71 1.94
N GLN A 127 4.96 -12.38 1.76
CA GLN A 127 6.33 -11.81 1.62
C GLN A 127 7.09 -11.94 2.96
N HIS A 128 6.41 -11.56 4.06
CA HIS A 128 6.90 -11.54 5.43
C HIS A 128 7.34 -12.91 5.97
N GLU A 129 8.04 -12.84 7.10
CA GLU A 129 8.71 -13.88 7.88
C GLU A 129 7.82 -15.08 8.29
N GLU A 130 8.04 -16.21 7.58
CA GLU A 130 7.44 -17.56 7.69
C GLU A 130 5.93 -17.52 7.97
N THR A 131 5.28 -16.52 7.36
CA THR A 131 3.86 -16.22 7.34
C THR A 131 3.30 -16.73 6.03
N TYR A 132 2.04 -17.17 6.05
CA TYR A 132 1.23 -17.65 4.94
C TYR A 132 -0.06 -16.82 4.92
N SER A 133 -0.67 -16.65 3.76
CA SER A 133 -1.87 -15.83 3.64
C SER A 133 -3.08 -16.54 3.07
N ILE A 134 -4.27 -16.19 3.56
CA ILE A 134 -5.55 -16.67 3.04
C ILE A 134 -6.32 -15.48 2.47
N PHE A 135 -6.65 -15.61 1.20
CA PHE A 135 -7.43 -14.65 0.46
C PHE A 135 -8.72 -15.36 0.07
N VAL A 136 -9.83 -14.64 0.15
CA VAL A 136 -11.10 -15.17 -0.29
C VAL A 136 -11.71 -14.06 -1.11
N ASN A 137 -12.04 -14.37 -2.39
CA ASN A 137 -12.66 -13.43 -3.33
C ASN A 137 -11.90 -12.11 -3.42
N PHE A 138 -10.57 -12.23 -3.70
CA PHE A 138 -9.58 -11.16 -3.87
C PHE A 138 -9.46 -10.25 -2.66
N GLN A 139 -9.68 -10.81 -1.48
CA GLN A 139 -9.63 -10.06 -0.24
C GLN A 139 -8.88 -10.88 0.83
N LEU A 140 -7.81 -10.30 1.33
CA LEU A 140 -6.99 -10.88 2.37
C LEU A 140 -7.80 -10.87 3.66
N TYR A 141 -7.96 -12.06 4.26
CA TYR A 141 -8.73 -12.18 5.48
C TYR A 141 -7.82 -12.53 6.68
N CYS A 142 -6.88 -13.47 6.49
CA CYS A 142 -6.02 -13.82 7.58
C CYS A 142 -4.58 -14.19 7.15
N ASP A 143 -3.68 -14.21 8.14
CA ASP A 143 -2.27 -14.56 8.04
C ASP A 143 -1.89 -15.58 9.14
N ILE A 144 -1.30 -16.71 8.73
CA ILE A 144 -0.85 -17.76 9.64
C ILE A 144 0.68 -17.65 9.72
N THR A 145 1.20 -17.48 10.95
CA THR A 145 2.63 -17.31 11.24
C THR A 145 3.20 -18.51 11.99
N TYR A 146 4.33 -19.02 11.47
CA TYR A 146 5.02 -20.16 12.10
C TYR A 146 5.71 -19.80 13.41
N SER A 147 5.30 -20.50 14.46
CA SER A 147 5.84 -20.34 15.79
C SER A 147 6.41 -21.71 16.22
N PRO A 148 7.75 -21.84 16.47
CA PRO A 148 8.28 -23.14 16.90
C PRO A 148 7.64 -23.60 18.20
N THR A 149 7.37 -24.92 18.30
CA THR A 149 6.74 -25.65 19.40
C THR A 149 7.09 -25.05 20.75
N ARG A 150 8.39 -24.89 21.00
CA ARG A 150 8.99 -24.36 22.22
C ARG A 150 8.41 -23.00 22.59
N VAL A 151 8.45 -22.07 21.61
CA VAL A 151 7.99 -20.70 21.72
C VAL A 151 6.48 -20.68 21.91
N PHE A 152 5.78 -21.29 20.95
CA PHE A 152 4.32 -21.38 20.84
C PHE A 152 3.61 -21.58 22.17
N TYR A 153 3.87 -22.72 22.85
CA TYR A 153 3.22 -23.05 24.13
C TYR A 153 3.66 -22.17 25.30
N GLY A 154 4.77 -21.47 25.12
CA GLY A 154 5.27 -20.55 26.13
C GLY A 154 4.57 -19.20 26.09
N ILE A 155 3.86 -18.89 24.97
CA ILE A 155 3.18 -17.61 24.81
C ILE A 155 1.98 -17.47 25.78
N LYS A 156 2.08 -16.48 26.72
CA LYS A 156 0.99 -16.19 27.65
C LYS A 156 -0.18 -15.66 26.84
N THR A 157 -1.36 -16.19 27.12
CA THR A 157 -2.62 -15.92 26.43
C THR A 157 -3.68 -15.43 27.37
N ILE A 158 -4.67 -14.73 26.80
CA ILE A 158 -5.88 -14.18 27.44
C ILE A 158 -7.03 -14.74 26.61
N GLU A 159 -8.03 -15.33 27.30
CA GLU A 159 -9.19 -15.96 26.66
C GLU A 159 -10.39 -15.02 26.54
N ILE A 160 -10.96 -14.97 25.33
CA ILE A 160 -12.19 -14.23 25.00
C ILE A 160 -12.90 -15.06 23.95
N ASP A 161 -14.14 -15.46 24.23
CA ASP A 161 -14.99 -16.26 23.36
C ASP A 161 -14.26 -17.56 22.94
N GLY A 162 -13.56 -18.18 23.89
CA GLY A 162 -12.82 -19.43 23.69
C GLY A 162 -11.65 -19.38 22.73
N ILE A 163 -11.18 -18.17 22.41
CA ILE A 163 -10.04 -17.88 21.53
C ILE A 163 -8.89 -17.31 22.37
N ASN A 164 -7.67 -17.76 22.05
CA ASN A 164 -6.43 -17.42 22.72
C ASN A 164 -5.82 -16.20 22.10
N TYR A 165 -6.00 -15.08 22.77
CA TYR A 165 -5.48 -13.81 22.31
C TYR A 165 -4.19 -13.58 23.04
N THR A 166 -3.12 -13.40 22.26
CA THR A 166 -1.76 -13.16 22.70
C THR A 166 -1.80 -12.03 23.78
N ASP A 167 -1.23 -12.34 24.95
CA ASP A 167 -1.19 -11.44 26.09
C ASP A 167 -0.79 -10.05 25.66
N PRO A 168 -1.54 -9.01 26.10
CA PRO A 168 -1.18 -7.62 25.75
C PRO A 168 0.26 -7.24 26.07
N HIS A 169 0.81 -7.76 27.19
CA HIS A 169 2.18 -7.49 27.61
C HIS A 169 3.21 -8.24 26.80
N PHE A 170 2.77 -9.19 25.96
CA PHE A 170 3.61 -9.92 25.02
C PHE A 170 3.57 -9.22 23.67
N MET A 171 2.37 -8.78 23.21
CA MET A 171 2.19 -8.05 21.96
C MET A 171 3.04 -6.77 22.02
N LEU A 172 3.09 -6.16 23.23
CA LEU A 172 3.90 -4.98 23.54
C LEU A 172 5.33 -5.08 22.98
N ILE A 173 5.96 -6.30 23.09
CA ILE A 173 7.30 -6.62 22.55
C ILE A 173 7.37 -6.17 21.10
N ASP A 174 6.42 -6.68 20.27
CA ASP A 174 6.30 -6.33 18.85
C ASP A 174 6.10 -4.83 18.57
N TYR A 175 5.37 -4.11 19.45
CA TYR A 175 5.19 -2.69 19.29
C TYR A 175 6.46 -1.94 19.56
N LEU A 176 7.22 -2.34 20.62
CA LEU A 176 8.53 -1.72 20.92
C LEU A 176 9.51 -2.07 19.82
N ARG A 177 9.42 -3.31 19.29
CA ARG A 177 10.23 -3.83 18.20
C ARG A 177 10.13 -2.91 16.98
N MET A 178 8.97 -2.27 16.80
CA MET A 178 8.71 -1.30 15.72
C MET A 178 9.45 0.02 16.01
N VAL A 179 9.25 0.62 17.22
CA VAL A 179 9.90 1.89 17.58
C VAL A 179 11.44 1.72 17.69
N ASN A 180 11.89 0.46 17.84
CA ASN A 180 13.31 0.16 17.98
C ASN A 180 13.98 -0.15 16.62
N GLN A 181 13.28 0.11 15.52
CA GLN A 181 13.82 0.04 14.17
C GLN A 181 13.57 1.43 13.46
N PRO A 182 14.28 2.53 13.91
CA PRO A 182 14.03 3.86 13.31
C PRO A 182 14.30 4.03 11.82
N LEU A 183 15.25 3.31 11.26
CA LEU A 183 15.50 3.54 9.84
C LEU A 183 14.61 2.71 8.93
N THR A 184 14.23 1.52 9.35
CA THR A 184 13.44 0.66 8.49
C THR A 184 11.94 0.71 8.75
N ALA A 185 11.51 1.22 9.93
CA ALA A 185 10.09 1.21 10.29
C ALA A 185 9.46 2.53 10.81
N ALA A 186 10.13 3.67 10.65
CA ALA A 186 9.58 4.95 11.16
C ALA A 186 8.39 5.52 10.38
N GLY A 187 8.48 5.45 9.06
CA GLY A 187 7.42 5.96 8.19
C GLY A 187 6.16 5.15 8.31
N GLN A 188 6.24 3.89 7.84
CA GLN A 188 5.15 2.94 7.75
C GLN A 188 4.57 2.42 9.10
N ARG A 189 5.25 2.58 10.27
CA ARG A 189 4.70 1.99 11.50
C ARG A 189 4.57 2.89 12.73
N TRP A 190 5.48 3.87 12.92
CA TRP A 190 5.52 4.68 14.16
C TRP A 190 4.23 5.44 14.52
N GLU A 191 3.32 5.64 13.57
CA GLU A 191 2.12 6.37 13.89
C GLU A 191 1.05 5.47 14.52
N LYS A 192 0.82 4.29 13.92
CA LYS A 192 -0.13 3.29 14.42
C LYS A 192 0.45 2.62 15.68
N ALA A 193 1.73 2.19 15.64
CA ALA A 193 2.38 1.56 16.78
C ALA A 193 2.40 2.45 18.02
N PHE A 194 2.52 3.80 17.88
CA PHE A 194 2.46 4.67 19.08
C PHE A 194 1.05 4.73 19.61
N GLU A 195 0.06 4.97 18.69
CA GLU A 195 -1.36 5.06 19.03
C GLU A 195 -1.84 3.79 19.75
N ARG A 196 -1.42 2.62 19.26
CA ARG A 196 -1.77 1.31 19.80
C ARG A 196 -1.06 1.07 21.12
N MET A 197 0.24 1.41 21.20
CA MET A 197 1.04 1.28 22.43
C MET A 197 0.39 2.05 23.56
N TYR A 198 -0.17 3.23 23.25
CA TYR A 198 -0.83 4.10 24.20
C TYR A 198 -2.03 3.42 24.84
N ARG A 199 -3.01 2.99 24.01
CA ARG A 199 -4.25 2.34 24.45
C ARG A 199 -3.96 1.02 25.19
N LEU A 200 -3.00 0.22 24.66
CA LEU A 200 -2.58 -1.04 25.26
C LEU A 200 -2.07 -0.72 26.64
N LEU A 201 -1.10 0.20 26.76
CA LEU A 201 -0.54 0.55 28.07
C LEU A 201 -1.50 1.36 28.96
N LYS A 202 -2.70 1.70 28.45
CA LYS A 202 -3.71 2.39 29.21
C LYS A 202 -4.64 1.33 29.80
N ASP A 203 -5.21 0.46 28.94
CA ASP A 203 -6.13 -0.60 29.34
C ASP A 203 -5.46 -1.81 29.97
N TYR A 204 -4.19 -2.06 29.67
CA TYR A 204 -3.37 -3.13 30.26
C TYR A 204 -2.11 -2.46 30.80
N PRO A 205 -2.17 -1.68 31.89
CA PRO A 205 -0.97 -0.96 32.34
C PRO A 205 0.18 -1.84 32.78
N ILE A 206 1.37 -1.24 32.97
CA ILE A 206 2.52 -1.98 33.45
C ILE A 206 2.35 -2.09 34.95
N GLU A 207 2.44 -3.32 35.49
CA GLU A 207 2.31 -3.64 36.92
C GLU A 207 3.28 -2.85 37.81
N ASP A 208 2.96 -2.74 39.11
CA ASP A 208 3.81 -2.07 40.12
C ASP A 208 4.19 -3.12 41.14
N PHE A 209 5.49 -3.47 41.16
CA PHE A 209 6.04 -4.46 42.07
C PHE A 209 6.88 -3.83 43.16
N ASP A 210 6.52 -4.11 44.43
CA ASP A 210 7.24 -3.62 45.60
C ASP A 210 8.37 -4.56 46.03
N LYS A 211 8.39 -5.79 45.44
CA LYS A 211 9.37 -6.86 45.65
C LYS A 211 10.78 -6.44 45.24
N ARG A 212 11.80 -7.02 45.90
CA ARG A 212 13.21 -6.71 45.69
C ARG A 212 13.84 -7.54 44.61
N LEU A 213 14.85 -6.94 43.93
CA LEU A 213 15.64 -7.58 42.88
C LEU A 213 16.59 -8.57 43.58
N ASP A 214 16.43 -9.85 43.31
CA ASP A 214 17.24 -10.90 43.94
C ASP A 214 18.14 -11.63 42.94
N ILE A 215 19.09 -10.86 42.36
CA ILE A 215 20.06 -11.39 41.41
C ILE A 215 21.33 -11.75 42.18
N PRO A 216 21.73 -13.04 42.18
CA PRO A 216 22.95 -13.43 42.90
C PRO A 216 24.27 -12.84 42.36
N GLU A 217 25.05 -12.20 43.28
CA GLU A 217 26.37 -11.62 43.03
C GLU A 217 27.35 -12.77 42.75
N PRO A 218 28.05 -12.77 41.59
CA PRO A 218 28.92 -13.92 41.28
C PRO A 218 30.29 -13.91 42.00
N PRO A 219 31.12 -14.99 41.88
CA PRO A 219 32.45 -14.98 42.53
C PRO A 219 33.37 -13.84 42.04
N GLU A 220 34.40 -13.49 42.84
CA GLU A 220 35.33 -12.41 42.52
C GLU A 220 36.12 -12.61 41.21
N GLU A 221 36.50 -13.86 40.87
N GLU A 221 36.51 -13.86 40.87
CA GLU A 221 37.24 -14.15 39.64
CA GLU A 221 37.25 -14.12 39.62
C GLU A 221 36.41 -13.71 38.42
C GLU A 221 36.41 -13.72 38.40
N ILE A 222 35.11 -14.08 38.43
CA ILE A 222 34.11 -13.78 37.42
C ILE A 222 33.84 -12.27 37.50
N GLN A 223 33.46 -11.76 38.70
CA GLN A 223 33.20 -10.35 38.98
C GLN A 223 34.26 -9.40 38.41
N SER A 224 35.55 -9.82 38.44
CA SER A 224 36.65 -8.99 37.89
C SER A 224 36.65 -9.05 36.35
N TYR A 225 36.50 -10.26 35.74
CA TYR A 225 36.46 -10.45 34.28
C TYR A 225 35.34 -9.65 33.59
N ILE A 226 34.13 -9.64 34.19
CA ILE A 226 32.94 -8.92 33.70
C ILE A 226 33.27 -7.41 33.69
N SER A 227 33.95 -6.94 34.75
CA SER A 227 34.39 -5.56 34.90
C SER A 227 35.54 -5.21 33.94
N ARG A 228 36.57 -6.07 33.83
CA ARG A 228 37.74 -5.86 32.97
C ARG A 228 37.39 -5.88 31.48
N ILE A 229 36.23 -6.45 31.11
CA ILE A 229 35.72 -6.43 29.73
C ILE A 229 35.32 -5.00 29.45
N LYS A 230 34.66 -4.34 30.42
CA LYS A 230 34.24 -2.94 30.31
C LYS A 230 35.46 -2.00 30.32
N THR A 231 36.31 -2.15 31.33
CA THR A 231 37.46 -1.27 31.57
C THR A 231 38.62 -1.46 30.57
N GLU A 232 38.91 -2.71 30.16
CA GLU A 232 40.05 -2.98 29.28
C GLU A 232 39.67 -3.28 27.82
N PHE A 233 38.62 -4.10 27.58
CA PHE A 233 38.21 -4.51 26.23
C PHE A 233 37.34 -3.50 25.50
N LEU A 234 36.28 -3.00 26.17
CA LEU A 234 35.32 -2.05 25.60
C LEU A 234 35.83 -0.59 25.60
N SER A 235 37.06 -0.35 26.10
CA SER A 235 37.67 0.96 26.07
C SER A 235 38.47 1.11 24.78
N ASP A 236 39.05 -0.02 24.28
CA ASP A 236 39.84 -0.05 23.05
C ASP A 236 39.00 0.36 21.84
N ASN A 237 39.28 1.57 21.34
CA ASN A 237 38.55 2.20 20.24
C ASN A 237 38.59 1.44 18.92
N LYS A 238 39.51 0.47 18.78
CA LYS A 238 39.57 -0.36 17.58
C LYS A 238 38.90 -1.71 17.83
N LEU A 239 38.21 -1.84 19.00
CA LEU A 239 37.52 -3.07 19.39
C LEU A 239 36.01 -2.88 19.70
N ASN A 240 35.64 -1.76 20.34
CA ASN A 240 34.27 -1.45 20.79
C ASN A 240 33.35 -0.73 19.76
N GLU A 241 33.74 -0.68 18.50
CA GLU A 241 32.95 0.01 17.49
C GLU A 241 31.54 -0.57 17.33
N SER A 242 31.43 -1.90 17.21
CA SER A 242 30.15 -2.58 16.98
C SER A 242 29.41 -3.08 18.24
N PHE A 243 29.92 -2.74 19.42
CA PHE A 243 29.27 -3.19 20.65
C PHE A 243 28.29 -2.21 21.22
N LEU A 244 27.21 -2.76 21.79
CA LEU A 244 26.14 -2.03 22.47
C LEU A 244 25.83 -2.75 23.77
N ILE A 245 25.83 -1.98 24.87
CA ILE A 245 25.59 -2.48 26.22
C ILE A 245 24.11 -2.67 26.51
N SER A 246 23.70 -3.93 26.66
CA SER A 246 22.33 -4.33 26.99
C SER A 246 22.42 -5.01 28.38
N GLY A 247 21.38 -5.74 28.77
CA GLY A 247 21.33 -6.45 30.05
C GLY A 247 21.22 -5.53 31.25
N ILE A 248 21.41 -6.11 32.44
CA ILE A 248 21.31 -5.43 33.74
C ILE A 248 22.32 -4.28 33.84
N GLU A 249 23.44 -4.34 33.07
CA GLU A 249 24.42 -3.27 32.98
C GLU A 249 23.70 -2.00 32.50
N ALA A 250 23.03 -2.11 31.32
CA ALA A 250 22.24 -1.04 30.67
C ALA A 250 21.06 -0.68 31.56
N TYR A 251 20.45 -1.68 32.18
CA TYR A 251 19.34 -1.44 33.08
C TYR A 251 19.80 -0.48 34.19
N ASN A 252 20.91 -0.83 34.87
CA ASN A 252 21.51 -0.05 35.95
C ASN A 252 21.87 1.36 35.51
N PHE A 253 22.27 1.51 34.24
CA PHE A 253 22.62 2.80 33.65
C PHE A 253 21.46 3.78 33.73
N TYR A 254 20.26 3.32 33.36
CA TYR A 254 19.07 4.16 33.42
C TYR A 254 18.60 4.32 34.85
N ILE A 255 18.90 3.33 35.71
CA ILE A 255 18.54 3.35 37.12
C ILE A 255 19.35 4.46 37.84
N ARG A 256 20.66 4.56 37.53
CA ARG A 256 21.55 5.57 38.12
C ARG A 256 21.19 6.96 37.64
N HIS A 257 20.90 7.10 36.33
CA HIS A 257 20.55 8.36 35.70
C HIS A 257 19.21 8.96 36.18
N ALA A 258 18.38 8.12 36.85
CA ALA A 258 17.11 8.53 37.42
C ALA A 258 17.30 9.29 38.76
N ALA A 259 18.49 9.14 39.39
CA ALA A 259 18.86 9.81 40.66
C ALA A 259 19.00 11.35 40.50
N SER A 260 19.56 11.78 39.34
CA SER A 260 19.76 13.18 38.92
C SER A 260 18.41 13.94 38.91
N SER A 261 18.22 14.86 39.88
CA SER A 261 16.98 15.64 40.03
C SER A 261 17.13 17.11 39.63
N VAL A 275 12.69 8.61 48.55
CA VAL A 275 11.53 8.02 47.88
C VAL A 275 11.86 7.57 46.41
N ASN A 276 12.54 6.41 46.19
CA ASN A 276 13.10 5.46 47.17
C ASN A 276 14.53 5.04 46.77
N LEU A 277 15.41 6.06 46.62
CA LEU A 277 16.84 5.95 46.33
C LEU A 277 17.26 5.08 45.10
N ASN A 278 18.54 4.67 45.17
CA ASN A 278 19.34 3.83 44.28
C ASN A 278 18.93 2.39 44.47
N ASN A 279 18.07 2.10 45.48
CA ASN A 279 17.61 0.77 45.87
C ASN A 279 17.24 -0.15 44.69
N PHE A 280 17.00 0.43 43.48
CA PHE A 280 16.67 -0.31 42.28
C PHE A 280 17.91 -0.93 41.62
N ILE A 281 19.13 -0.56 42.07
CA ILE A 281 20.38 -1.10 41.52
C ILE A 281 20.44 -2.63 41.72
N ALA A 282 21.04 -3.33 40.75
CA ALA A 282 21.12 -4.78 40.78
C ALA A 282 22.54 -5.29 40.54
N ASN A 283 22.82 -6.51 41.03
CA ASN A 283 24.10 -7.19 40.84
C ASN A 283 24.15 -7.59 39.38
N VAL A 284 25.20 -7.22 38.66
CA VAL A 284 25.31 -7.62 37.26
C VAL A 284 25.77 -9.10 37.23
N PRO A 285 24.91 -10.05 36.82
CA PRO A 285 25.31 -11.47 36.86
C PRO A 285 26.35 -11.87 35.81
N PHE A 286 26.44 -11.07 34.72
CA PHE A 286 27.29 -11.24 33.53
C PHE A 286 26.97 -10.12 32.54
N SER A 287 27.85 -9.89 31.55
CA SER A 287 27.61 -8.90 30.50
C SER A 287 26.63 -9.44 29.46
N GLU A 288 25.76 -8.57 28.96
CA GLU A 288 24.88 -8.90 27.85
C GLU A 288 25.17 -7.82 26.87
N LEU A 289 25.73 -8.20 25.71
CA LEU A 289 26.11 -7.24 24.68
C LEU A 289 25.51 -7.58 23.34
N ILE A 290 25.19 -6.56 22.54
CA ILE A 290 24.69 -6.75 21.18
C ILE A 290 25.77 -6.26 20.21
N SER A 291 26.13 -7.10 19.25
CA SER A 291 27.12 -6.73 18.24
C SER A 291 26.52 -6.62 16.86
N VAL A 292 26.84 -5.51 16.18
CA VAL A 292 26.36 -5.24 14.82
C VAL A 292 27.33 -5.82 13.77
N ASN A 293 28.33 -6.57 14.28
CA ASN A 293 29.43 -7.26 13.59
C ASN A 293 29.87 -8.44 14.51
N TYR A 294 28.88 -9.28 14.84
CA TYR A 294 28.92 -10.44 15.72
C TYR A 294 30.12 -11.36 15.56
N ARG A 295 30.25 -12.12 14.45
CA ARG A 295 31.31 -13.13 14.29
C ARG A 295 32.73 -12.59 14.63
N GLU A 296 33.05 -11.36 14.21
CA GLU A 296 34.31 -10.69 14.51
C GLU A 296 34.38 -10.33 15.99
N ASP A 297 33.34 -9.67 16.52
CA ASP A 297 33.29 -9.24 17.92
C ASP A 297 33.27 -10.40 18.94
N VAL A 298 32.74 -11.61 18.57
CA VAL A 298 32.71 -12.79 19.46
C VAL A 298 34.10 -13.37 19.55
N LYS A 299 34.69 -13.68 18.39
CA LYS A 299 36.05 -14.20 18.30
C LYS A 299 36.99 -13.27 19.10
N ASN A 300 36.86 -11.95 18.92
CA ASN A 300 37.64 -10.96 19.66
C ASN A 300 37.39 -11.01 21.18
N THR A 301 36.14 -11.22 21.64
CA THR A 301 35.90 -11.32 23.10
C THR A 301 36.57 -12.59 23.64
N TYR A 302 36.40 -13.72 22.91
CA TYR A 302 36.99 -15.02 23.23
C TYR A 302 38.52 -14.90 23.43
N ASN A 303 39.23 -14.34 22.43
CA ASN A 303 40.67 -14.16 22.45
C ASN A 303 41.11 -13.24 23.59
N PHE A 304 40.28 -12.21 23.93
CA PHE A 304 40.56 -11.28 25.03
C PHE A 304 40.46 -12.01 26.35
N LEU A 305 39.44 -12.85 26.52
CA LEU A 305 39.26 -13.59 27.76
C LEU A 305 40.32 -14.65 27.86
N ARG A 306 40.65 -15.31 26.75
CA ARG A 306 41.69 -16.34 26.68
C ARG A 306 43.08 -15.81 27.04
N MET A 307 43.25 -14.47 27.03
CA MET A 307 44.48 -13.73 27.35
C MET A 307 44.46 -13.29 28.84
N ILE A 308 43.35 -12.69 29.29
CA ILE A 308 43.12 -12.14 30.63
C ILE A 308 42.67 -13.21 31.67
N VAL A 309 42.49 -14.47 31.22
CA VAL A 309 42.04 -15.58 32.08
C VAL A 309 43.21 -16.44 32.60
N GLU A 310 43.11 -16.78 33.91
CA GLU A 310 43.96 -17.66 34.72
C GLU A 310 43.43 -19.08 34.37
N ASP A 311 44.22 -19.89 33.65
CA ASP A 311 43.86 -21.22 33.08
C ASP A 311 42.80 -21.40 32.00
N LYS A 312 43.19 -20.98 30.81
CA LYS A 312 42.43 -20.98 29.58
C LYS A 312 41.60 -22.22 29.25
N GLU A 313 41.91 -23.36 29.89
CA GLU A 313 41.15 -24.58 29.59
C GLU A 313 39.83 -24.67 30.40
N LYS A 314 39.59 -23.67 31.28
CA LYS A 314 38.38 -23.44 32.08
C LYS A 314 37.29 -22.73 31.23
N ILE A 315 37.71 -22.10 30.10
CA ILE A 315 36.89 -21.38 29.12
C ILE A 315 36.09 -22.39 28.28
N SER A 316 34.75 -22.22 28.25
CA SER A 316 33.78 -23.00 27.47
C SER A 316 32.86 -22.03 26.71
N VAL A 317 32.39 -22.46 25.52
CA VAL A 317 31.53 -21.63 24.68
C VAL A 317 30.22 -22.32 24.37
N ASP A 318 29.13 -21.66 24.79
CA ASP A 318 27.75 -22.07 24.54
C ASP A 318 27.10 -21.15 23.49
N GLU A 319 26.51 -21.75 22.45
CA GLU A 319 25.81 -21.02 21.39
C GLU A 319 24.32 -21.33 21.47
N TYR A 320 23.50 -20.41 20.97
CA TYR A 320 22.05 -20.53 21.04
C TYR A 320 21.44 -20.04 19.76
N PHE A 321 20.39 -20.72 19.31
CA PHE A 321 19.62 -20.34 18.14
C PHE A 321 18.87 -19.01 18.39
N PRO A 322 18.37 -18.29 17.36
CA PRO A 322 17.62 -17.06 17.65
C PRO A 322 16.35 -17.32 18.46
N LEU A 323 16.00 -16.45 19.43
CA LEU A 323 14.76 -16.64 20.19
C LEU A 323 13.62 -16.09 19.36
N PHE A 324 12.92 -16.98 18.63
CA PHE A 324 11.76 -16.62 17.79
C PHE A 324 12.16 -15.49 16.86
N GLN A 325 11.47 -14.36 16.92
CA GLN A 325 11.72 -13.20 16.10
C GLN A 325 12.11 -12.03 16.98
N PHE A 326 12.56 -12.31 18.19
CA PHE A 326 12.93 -11.26 19.12
C PHE A 326 14.42 -11.00 19.21
N THR A 327 15.25 -11.96 18.79
CA THR A 327 16.71 -11.83 18.81
C THR A 327 17.32 -12.61 17.66
N GLY A 328 18.63 -12.40 17.46
CA GLY A 328 19.43 -13.16 16.53
C GLY A 328 20.10 -14.27 17.30
N TYR A 329 21.22 -14.80 16.77
CA TYR A 329 21.98 -15.80 17.49
C TYR A 329 22.64 -15.15 18.70
N SER A 330 23.01 -15.97 19.69
CA SER A 330 23.71 -15.55 20.89
C SER A 330 24.85 -16.50 21.19
N THR A 331 25.85 -16.03 21.95
CA THR A 331 26.98 -16.83 22.38
C THR A 331 27.33 -16.42 23.78
N VAL A 332 27.41 -17.41 24.65
CA VAL A 332 27.87 -17.23 26.01
C VAL A 332 29.31 -17.77 26.12
N ILE A 333 30.22 -16.94 26.68
CA ILE A 333 31.59 -17.35 26.97
C ILE A 333 31.61 -17.53 28.49
N LYS A 334 31.90 -18.77 28.90
CA LYS A 334 31.91 -19.22 30.30
C LYS A 334 33.28 -19.63 30.77
N TYR A 335 33.64 -19.31 32.00
CA TYR A 335 34.89 -19.75 32.62
C TYR A 335 34.51 -20.47 33.91
N ASP A 336 34.63 -21.84 33.93
CA ASP A 336 34.25 -22.74 35.03
C ASP A 336 32.70 -22.79 35.12
N ASP A 337 32.09 -22.92 33.92
CA ASP A 337 30.64 -23.00 33.67
C ASP A 337 29.88 -21.80 34.25
N HIS A 338 30.61 -20.67 34.36
CA HIS A 338 30.10 -19.40 34.84
C HIS A 338 29.96 -18.44 33.67
N PRO A 339 28.78 -17.83 33.46
CA PRO A 339 28.67 -16.87 32.35
C PRO A 339 29.41 -15.58 32.68
N ILE A 340 30.28 -15.17 31.76
CA ILE A 340 31.01 -13.91 31.90
C ILE A 340 30.25 -12.88 31.06
N ILE A 341 29.96 -13.30 29.82
CA ILE A 341 29.35 -12.48 28.79
C ILE A 341 28.49 -13.33 27.87
N ARG A 342 27.34 -12.75 27.47
CA ARG A 342 26.40 -13.25 26.48
C ARG A 342 26.39 -12.19 25.40
N ILE A 343 26.72 -12.60 24.18
CA ILE A 343 26.77 -11.71 23.01
C ILE A 343 25.64 -12.05 22.03
N TYR A 344 24.88 -11.03 21.68
CA TYR A 344 23.76 -11.11 20.78
C TYR A 344 24.09 -10.58 19.40
N GLU A 345 23.53 -11.21 18.36
CA GLU A 345 23.76 -10.82 16.98
C GLU A 345 22.75 -9.79 16.49
N GLY A 346 23.21 -8.56 16.36
CA GLY A 346 22.45 -7.41 15.87
C GLY A 346 22.77 -7.08 14.43
N ASP A 347 23.50 -7.99 13.74
CA ASP A 347 23.85 -7.89 12.32
C ASP A 347 22.58 -7.65 11.47
N GLY A 348 22.61 -6.58 10.69
CA GLY A 348 21.52 -6.18 9.81
C GLY A 348 20.53 -5.19 10.40
N TYR A 349 20.80 -4.71 11.64
CA TYR A 349 19.94 -3.79 12.41
C TYR A 349 20.72 -2.58 12.83
N CYS A 350 20.04 -1.44 12.90
CA CYS A 350 20.63 -0.17 13.38
C CYS A 350 19.97 0.14 14.74
N ILE A 351 20.65 -0.25 15.82
CA ILE A 351 20.10 -0.15 17.17
C ILE A 351 20.17 1.27 17.75
N PRO A 352 18.99 1.85 18.14
CA PRO A 352 18.99 3.17 18.77
C PRO A 352 19.80 3.11 20.05
N ASN A 353 20.75 4.04 20.22
CA ASN A 353 21.63 4.02 21.39
C ASN A 353 21.81 5.36 22.07
N VAL A 354 22.33 5.33 23.31
CA VAL A 354 22.60 6.49 24.14
C VAL A 354 24.14 6.78 24.20
N LYS A 355 24.52 8.08 24.23
CA LYS A 355 25.90 8.56 24.32
C LYS A 355 26.17 9.40 25.61
N THR A 356 27.30 9.08 26.29
CA THR A 356 27.81 9.77 27.47
C THR A 356 29.32 9.86 27.28
N VAL A 357 29.98 8.67 27.24
CA VAL A 357 31.41 8.35 27.07
C VAL A 357 32.76 8.88 27.63
N LYS A 358 33.01 8.56 28.90
CA LYS A 358 34.17 9.01 29.70
C LYS A 358 35.67 8.66 29.33
N THR A 359 36.75 9.19 29.99
CA THR A 359 36.96 10.18 31.08
C THR A 359 38.49 10.49 31.16
N VAL A 360 39.06 10.60 32.42
CA VAL A 360 40.47 10.86 32.74
C VAL A 360 41.33 9.66 32.30
N LYS A 373 28.64 2.92 24.59
CA LYS A 373 27.42 2.70 23.80
C LYS A 373 26.33 1.81 24.54
N TYR A 374 25.26 2.46 25.07
CA TYR A 374 24.16 1.76 25.76
C TYR A 374 22.95 1.73 24.86
N VAL A 375 22.23 0.60 24.85
CA VAL A 375 21.00 0.47 24.06
C VAL A 375 19.95 1.44 24.64
N SER A 376 19.14 2.06 23.75
CA SER A 376 18.12 3.05 24.08
C SER A 376 17.17 2.62 25.20
N PHE A 377 16.57 3.59 25.92
CA PHE A 377 15.65 3.32 27.01
C PHE A 377 14.52 2.35 26.63
N GLN A 378 13.89 2.59 25.46
CA GLN A 378 12.81 1.73 24.96
C GLN A 378 13.34 0.39 24.46
N TYR A 379 14.66 0.31 24.19
CA TYR A 379 15.31 -0.93 23.77
C TYR A 379 15.54 -1.84 24.98
N VAL A 380 15.91 -1.26 26.15
CA VAL A 380 16.16 -2.03 27.38
C VAL A 380 14.81 -2.53 27.88
N LEU A 381 13.82 -1.61 27.96
CA LEU A 381 12.44 -1.89 28.32
C LEU A 381 11.97 -3.04 27.42
N MET A 382 12.43 -3.07 26.16
CA MET A 382 12.09 -4.15 25.21
C MET A 382 12.78 -5.46 25.58
N ILE A 383 14.14 -5.49 25.65
CA ILE A 383 14.91 -6.72 25.96
C ILE A 383 14.53 -7.32 27.32
N LEU A 384 14.21 -6.49 28.31
CA LEU A 384 13.82 -6.98 29.62
C LEU A 384 12.64 -7.92 29.49
N TYR A 385 11.61 -7.51 28.71
CA TYR A 385 10.42 -8.32 28.40
C TYR A 385 10.81 -9.61 27.66
N ILE A 386 11.76 -9.52 26.68
CA ILE A 386 12.25 -10.61 25.81
C ILE A 386 13.02 -11.65 26.62
N ASN A 387 13.77 -11.15 27.61
CA ASN A 387 14.62 -11.92 28.51
C ASN A 387 13.72 -12.62 29.50
N LYS A 388 12.63 -11.93 29.93
CA LYS A 388 11.64 -12.51 30.84
C LYS A 388 11.00 -13.67 30.15
N PHE A 389 10.76 -13.58 28.84
CA PHE A 389 10.15 -14.65 28.05
C PHE A 389 11.13 -15.82 27.84
N ARG A 390 12.44 -15.52 27.69
CA ARG A 390 13.50 -16.53 27.52
C ARG A 390 13.52 -17.37 28.78
N ALA A 391 13.55 -16.71 29.96
CA ALA A 391 13.51 -17.33 31.29
C ALA A 391 12.36 -18.31 31.37
N HIS A 392 11.15 -17.88 30.97
CA HIS A 392 9.94 -18.67 30.94
C HIS A 392 10.12 -19.92 30.10
N LEU A 393 10.76 -19.80 28.96
CA LEU A 393 10.97 -20.96 28.11
C LEU A 393 12.04 -21.87 28.69
N ASP A 394 13.08 -21.27 29.29
CA ASP A 394 14.21 -21.94 29.92
C ASP A 394 13.81 -22.54 31.29
N LYS A 395 12.53 -22.33 31.70
CA LYS A 395 11.90 -22.77 32.96
C LYS A 395 12.43 -22.01 34.21
N ASN A 396 13.52 -21.26 34.04
CA ASN A 396 14.20 -20.45 35.03
C ASN A 396 13.16 -19.47 35.66
N LYS A 397 12.68 -19.79 36.88
CA LYS A 397 11.68 -19.01 37.61
C LYS A 397 12.33 -17.79 38.30
N PRO A 398 13.55 -17.84 38.91
CA PRO A 398 14.10 -16.62 39.56
C PRO A 398 14.42 -15.47 38.59
N MET A 399 14.90 -15.81 37.39
CA MET A 399 15.24 -14.82 36.36
C MET A 399 13.93 -14.25 35.76
N TYR A 400 12.89 -15.10 35.63
CA TYR A 400 11.56 -14.73 35.16
C TYR A 400 10.93 -13.67 36.10
N PHE A 401 11.26 -13.75 37.38
CA PHE A 401 10.74 -12.83 38.39
C PHE A 401 11.58 -11.58 38.46
N ASN A 402 12.89 -11.69 38.21
CA ASN A 402 13.83 -10.57 38.26
C ASN A 402 13.59 -9.55 37.16
N TYR A 403 13.36 -10.04 35.92
CA TYR A 403 13.10 -9.21 34.76
C TYR A 403 11.81 -8.43 34.95
N GLY A 404 10.77 -9.11 35.44
CA GLY A 404 9.50 -8.48 35.79
C GLY A 404 9.69 -7.36 36.79
N ILE A 405 10.53 -7.59 37.85
CA ILE A 405 10.89 -6.59 38.87
C ILE A 405 11.64 -5.46 38.19
N ALA A 406 12.64 -5.80 37.35
CA ALA A 406 13.45 -4.84 36.61
C ALA A 406 12.60 -3.89 35.77
N ILE A 407 11.64 -4.41 34.97
CA ILE A 407 10.74 -3.61 34.14
C ILE A 407 10.01 -2.59 35.03
N SER A 408 9.29 -3.07 36.05
CA SER A 408 8.55 -2.24 37.02
C SER A 408 9.41 -1.12 37.58
N ASN A 409 10.65 -1.45 38.01
CA ASN A 409 11.63 -0.53 38.58
C ASN A 409 12.09 0.47 37.58
N LEU A 410 12.43 0.03 36.36
CA LEU A 410 12.89 0.88 35.24
C LEU A 410 11.81 1.90 34.85
N VAL A 411 10.54 1.47 34.84
CA VAL A 411 9.40 2.35 34.54
C VAL A 411 9.21 3.34 35.72
N LYS A 412 9.27 2.87 36.99
CA LYS A 412 9.17 3.71 38.21
C LYS A 412 10.24 4.80 38.12
N ALA A 413 11.48 4.39 37.78
CA ALA A 413 12.65 5.25 37.65
C ALA A 413 12.44 6.37 36.64
N ARG A 414 12.07 6.04 35.37
CA ARG A 414 11.81 7.02 34.30
C ARG A 414 10.74 8.03 34.74
N ASN A 415 9.57 7.54 35.19
CA ASN A 415 8.46 8.37 35.63
C ASN A 415 8.89 9.40 36.67
N ILE A 416 9.50 8.95 37.80
CA ILE A 416 9.95 9.85 38.85
C ILE A 416 10.98 10.88 38.34
N TYR A 417 11.84 10.53 37.35
CA TYR A 417 12.83 11.45 36.77
C TYR A 417 12.16 12.61 36.02
N LEU A 418 11.15 12.28 35.20
CA LEU A 418 10.41 13.26 34.41
C LEU A 418 9.51 14.10 35.31
N ASP A 419 9.04 13.52 36.43
CA ASP A 419 8.21 14.23 37.42
C ASP A 419 9.05 15.28 38.17
N GLN A 420 10.31 14.93 38.53
CA GLN A 420 11.26 15.79 39.23
C GLN A 420 11.83 16.87 38.34
N THR A 421 11.99 16.60 37.02
CA THR A 421 12.59 17.53 36.07
C THR A 421 11.57 18.30 35.22
N GLY A 422 10.30 17.87 35.24
CA GLY A 422 9.21 18.47 34.46
C GLY A 422 9.41 18.31 32.96
N LYS A 423 10.15 17.25 32.56
CA LYS A 423 10.52 16.90 31.18
C LYS A 423 9.50 15.99 30.44
N SER A 424 9.79 15.67 29.16
CA SER A 424 8.98 14.83 28.29
C SER A 424 9.80 13.72 27.62
N VAL A 425 9.12 12.71 27.09
CA VAL A 425 9.71 11.56 26.40
C VAL A 425 10.39 11.96 25.08
N LEU A 426 10.21 13.24 24.65
CA LEU A 426 10.81 13.74 23.43
C LEU A 426 11.97 14.72 23.67
N ASP A 427 12.09 15.25 24.90
CA ASP A 427 13.20 16.14 25.27
C ASP A 427 14.49 15.32 25.30
N ASN A 428 15.63 15.94 24.94
CA ASN A 428 16.93 15.24 24.89
C ASN A 428 17.47 14.90 26.28
N THR A 429 16.92 13.82 26.84
CA THR A 429 17.26 13.19 28.11
C THR A 429 17.76 11.78 27.78
N VAL A 430 18.23 11.07 28.80
CA VAL A 430 18.71 9.70 28.64
C VAL A 430 17.54 8.73 28.37
N PHE A 431 16.34 9.07 28.88
CA PHE A 431 15.12 8.27 28.75
C PHE A 431 14.29 8.66 27.52
N LYS A 432 14.90 9.40 26.57
CA LYS A 432 14.27 9.86 25.34
C LYS A 432 13.73 8.65 24.53
N GLU A 433 12.54 8.85 23.95
CA GLU A 433 11.86 7.86 23.14
C GLU A 433 11.74 8.35 21.71
N PHE A 434 11.63 7.40 20.77
CA PHE A 434 11.52 7.62 19.33
C PHE A 434 12.80 8.26 18.81
N ARG A 435 13.94 7.61 19.17
CA ARG A 435 15.29 8.00 18.79
C ARG A 435 15.48 7.56 17.34
N THR A 436 16.25 8.36 16.57
CA THR A 436 16.57 8.15 15.15
C THR A 436 18.05 7.76 15.01
N ASN A 437 18.84 8.23 15.97
CA ASN A 437 20.27 8.03 16.19
C ASN A 437 20.49 6.56 16.52
N CYS A 438 21.18 5.84 15.63
CA CYS A 438 21.38 4.42 15.85
C CYS A 438 22.73 3.92 15.33
N THR A 439 23.16 2.71 15.78
CA THR A 439 24.43 2.07 15.40
C THR A 439 24.23 0.77 14.62
N GLY A 440 24.84 0.68 13.45
CA GLY A 440 24.77 -0.54 12.65
C GLY A 440 24.22 -0.34 11.26
N ASN A 441 24.75 -1.11 10.31
CA ASN A 441 24.31 -1.07 8.92
C ASN A 441 23.02 -1.89 8.84
N THR A 442 21.92 -1.18 8.53
CA THR A 442 20.59 -1.77 8.38
C THR A 442 20.19 -1.77 6.88
N ILE A 443 19.09 -2.46 6.57
CA ILE A 443 18.53 -2.67 5.25
C ILE A 443 17.00 -2.65 5.39
N SER A 444 16.28 -1.94 4.48
CA SER A 444 14.83 -1.84 4.48
C SER A 444 14.20 -3.22 4.38
N PHE A 445 13.02 -3.41 5.01
CA PHE A 445 12.27 -4.68 5.02
C PHE A 445 12.17 -5.30 3.64
N THR A 446 11.73 -4.49 2.66
CA THR A 446 11.58 -4.83 1.25
C THR A 446 12.86 -5.44 0.68
N ARG A 447 14.01 -4.81 1.00
CA ARG A 447 15.34 -5.25 0.60
C ARG A 447 15.69 -6.61 1.23
N MET A 448 15.45 -6.71 2.54
CA MET A 448 15.66 -7.90 3.36
C MET A 448 14.82 -9.08 2.81
N ASN A 449 13.55 -8.78 2.45
CA ASN A 449 12.59 -9.74 1.90
C ASN A 449 12.98 -10.19 0.51
N ARG A 450 13.29 -9.24 -0.41
CA ARG A 450 13.66 -9.54 -1.80
C ARG A 450 15.02 -10.23 -1.90
N LEU A 451 15.96 -9.88 -1.01
CA LEU A 451 17.26 -10.55 -0.99
C LEU A 451 17.19 -11.98 -0.47
N ARG A 452 16.44 -12.19 0.65
CA ARG A 452 16.27 -13.52 1.26
C ARG A 452 15.62 -14.45 0.25
N LEU A 453 14.56 -13.97 -0.41
CA LEU A 453 13.81 -14.68 -1.43
C LEU A 453 14.72 -15.09 -2.57
N LEU A 454 15.59 -14.17 -3.03
CA LEU A 454 16.52 -14.44 -4.13
C LEU A 454 17.59 -15.47 -3.77
N GLU A 455 18.02 -15.47 -2.47
CA GLU A 455 19.01 -16.41 -1.95
C GLU A 455 18.41 -17.82 -1.97
N LYS A 456 17.23 -18.01 -1.34
CA LYS A 456 16.52 -19.29 -1.34
C LYS A 456 16.03 -19.70 -2.73
N ARG A 457 15.86 -18.71 -3.66
CA ARG A 457 15.44 -18.90 -5.06
C ARG A 457 16.58 -19.57 -5.83
N LYS A 458 17.83 -19.16 -5.54
CA LYS A 458 19.03 -19.71 -6.14
C LYS A 458 19.26 -21.12 -5.57
N GLN A 459 18.92 -21.33 -4.28
CA GLN A 459 19.02 -22.59 -3.55
C GLN A 459 17.95 -23.59 -4.00
N GLY A 460 16.83 -23.08 -4.55
CA GLY A 460 15.71 -23.89 -4.97
C GLY A 460 14.93 -24.41 -3.78
N LYS A 461 14.85 -23.59 -2.71
CA LYS A 461 14.13 -23.90 -1.46
C LYS A 461 12.60 -23.59 -1.54
N GLN A 462 12.11 -23.31 -2.78
CA GLN A 462 10.73 -22.97 -3.18
C GLN A 462 10.31 -21.55 -2.74
N THR A 463 10.23 -20.66 -3.74
CA THR A 463 9.89 -19.23 -3.66
C THR A 463 8.51 -18.86 -3.11
N SER A 464 7.44 -19.15 -3.89
CA SER A 464 6.06 -18.85 -3.55
C SER A 464 5.29 -20.14 -3.65
N PHE A 465 4.52 -20.42 -2.59
CA PHE A 465 3.64 -21.57 -2.44
C PHE A 465 2.22 -21.07 -2.55
N VAL A 466 1.44 -21.73 -3.41
CA VAL A 466 0.04 -21.36 -3.64
C VAL A 466 -0.85 -22.61 -3.51
N TYR A 467 -2.05 -22.41 -2.92
CA TYR A 467 -3.08 -23.43 -2.77
C TYR A 467 -4.41 -22.82 -3.18
N THR A 468 -5.01 -23.34 -4.26
CA THR A 468 -6.30 -22.89 -4.76
C THR A 468 -7.19 -24.15 -4.68
N PRO A 469 -7.92 -24.37 -3.55
CA PRO A 469 -8.72 -25.62 -3.42
C PRO A 469 -9.60 -25.95 -4.61
N GLU A 470 -10.25 -24.94 -5.23
CA GLU A 470 -11.10 -25.10 -6.41
C GLU A 470 -10.37 -25.77 -7.53
N ASP A 471 -9.14 -25.30 -7.81
CA ASP A 471 -8.26 -25.83 -8.85
C ASP A 471 -7.66 -27.18 -8.47
N PHE A 472 -7.32 -27.36 -7.17
CA PHE A 472 -6.75 -28.58 -6.59
C PHE A 472 -7.74 -29.73 -6.64
N PHE A 473 -9.03 -29.44 -6.43
CA PHE A 473 -10.10 -30.44 -6.42
C PHE A 473 -10.66 -30.71 -7.83
N LYS A 474 -10.14 -30.03 -8.86
CA LYS A 474 -10.48 -30.27 -10.25
C LYS A 474 -9.49 -31.35 -10.76
N LYS A 475 -8.42 -31.61 -9.95
CA LYS A 475 -7.36 -32.59 -10.19
C LYS A 475 -7.64 -33.96 -9.59
N ASP A 476 -7.03 -34.99 -10.20
CA ASP A 476 -7.09 -36.41 -9.83
C ASP A 476 -6.54 -36.68 -8.42
N LEU A 477 -6.96 -37.79 -7.79
CA LEU A 477 -6.56 -38.22 -6.43
C LEU A 477 -5.04 -38.52 -6.31
N GLU A 478 -4.40 -38.85 -7.44
CA GLU A 478 -2.97 -39.14 -7.54
C GLU A 478 -2.15 -37.85 -7.32
N THR A 479 -2.56 -36.76 -7.99
CA THR A 479 -1.93 -35.43 -7.84
C THR A 479 -2.27 -34.86 -6.45
N GLN A 480 -3.51 -35.06 -5.99
CA GLN A 480 -3.99 -34.62 -4.67
C GLN A 480 -3.15 -35.25 -3.56
N ALA A 481 -2.68 -36.49 -3.77
CA ALA A 481 -1.81 -37.23 -2.85
C ALA A 481 -0.39 -36.64 -2.78
N LYS A 482 0.07 -35.98 -3.85
CA LYS A 482 1.40 -35.38 -3.90
C LYS A 482 1.59 -34.23 -2.89
N LEU A 483 0.51 -33.49 -2.56
CA LEU A 483 0.58 -32.38 -1.61
C LEU A 483 0.68 -32.84 -0.17
N ASP A 484 1.81 -32.51 0.49
CA ASP A 484 2.06 -32.81 1.90
C ASP A 484 2.55 -31.59 2.69
N PRO A 485 1.70 -31.06 3.60
CA PRO A 485 2.12 -29.89 4.39
C PRO A 485 3.08 -30.24 5.53
N SER A 486 3.19 -31.54 5.89
CA SER A 486 4.13 -32.00 6.94
C SER A 486 5.58 -31.82 6.47
N LYS A 487 5.80 -31.94 5.15
CA LYS A 487 7.10 -31.81 4.49
C LYS A 487 7.31 -30.34 4.09
N ALA A 488 7.45 -29.47 5.11
CA ALA A 488 7.71 -28.03 4.99
C ALA A 488 8.77 -27.67 6.00
N ARG A 489 9.80 -26.94 5.56
CA ARG A 489 10.92 -26.55 6.43
C ARG A 489 10.85 -25.08 6.86
N PHE A 490 11.27 -24.83 8.10
CA PHE A 490 11.29 -23.51 8.71
C PHE A 490 12.57 -23.28 9.48
N LYS A 491 12.99 -22.01 9.57
CA LYS A 491 14.16 -21.56 10.31
C LYS A 491 13.98 -21.86 11.80
N ASN A 492 14.99 -22.56 12.36
CA ASN A 492 15.06 -22.93 13.77
C ASN A 492 15.21 -21.67 14.60
N THR A 493 14.09 -21.21 15.18
CA THR A 493 14.05 -20.00 15.99
C THR A 493 13.54 -20.35 17.38
N SER A 494 14.10 -21.45 17.94
CA SER A 494 13.73 -22.01 19.25
C SER A 494 14.29 -21.26 20.47
N GLY A 495 15.47 -20.66 20.32
CA GLY A 495 16.16 -19.98 21.41
C GLY A 495 16.96 -20.97 22.25
N ASN A 496 17.03 -22.23 21.74
CA ASN A 496 17.69 -23.42 22.28
C ASN A 496 19.16 -23.45 21.99
N LYS A 497 19.94 -24.05 22.93
CA LYS A 497 21.37 -24.24 22.81
C LYS A 497 21.67 -25.14 21.62
N ILE A 498 22.63 -24.69 20.79
CA ILE A 498 23.05 -25.41 19.60
C ILE A 498 23.96 -26.52 20.12
N MET A 499 23.47 -27.77 20.02
CA MET A 499 24.17 -28.97 20.49
C MET A 499 25.13 -29.46 19.39
N VAL A 500 24.54 -30.03 18.32
CA VAL A 500 25.22 -30.59 17.15
C VAL A 500 26.22 -29.55 16.54
N PRO A 501 27.49 -29.95 16.27
CA PRO A 501 28.48 -28.97 15.80
C PRO A 501 28.25 -28.44 14.38
N LYS A 502 27.56 -29.20 13.50
CA LYS A 502 27.30 -28.71 12.13
C LYS A 502 26.33 -27.53 12.11
N TYR A 503 25.69 -27.21 13.26
CA TYR A 503 24.79 -26.06 13.38
C TYR A 503 25.41 -24.94 14.21
N LEU A 504 26.61 -25.21 14.78
CA LEU A 504 27.38 -24.22 15.55
C LEU A 504 28.05 -23.24 14.58
N LEU A 505 28.02 -21.93 14.91
CA LEU A 505 28.61 -20.89 14.05
C LEU A 505 30.13 -20.79 14.23
N PHE A 506 30.62 -21.19 15.41
CA PHE A 506 32.03 -21.17 15.71
C PHE A 506 32.59 -22.57 15.98
N LYS A 507 33.91 -22.75 15.76
CA LYS A 507 34.68 -23.99 15.96
C LYS A 507 35.87 -23.71 16.89
N ILE A 508 36.11 -24.60 17.88
CA ILE A 508 37.28 -24.47 18.74
C ILE A 508 38.32 -25.51 18.29
N ASP A 509 39.46 -25.02 17.70
CA ASP A 509 40.55 -25.87 17.20
C ASP A 509 41.37 -26.47 18.36
N ASN A 510 42.09 -27.58 18.12
CA ASN A 510 42.88 -28.33 19.12
C ASN A 510 43.83 -27.48 19.96
N ASN A 511 44.40 -26.41 19.37
CA ASN A 511 45.30 -25.47 20.05
C ASN A 511 44.56 -24.64 21.12
N GLY A 512 43.22 -24.74 21.09
CA GLY A 512 42.31 -24.08 22.00
C GLY A 512 41.67 -22.83 21.45
N ASN A 513 42.02 -22.43 20.22
CA ASN A 513 41.55 -21.19 19.62
C ASN A 513 40.19 -21.30 18.92
N ILE A 514 39.58 -20.13 18.63
CA ILE A 514 38.27 -19.98 18.00
C ILE A 514 38.39 -19.77 16.49
N GLU A 515 37.40 -20.26 15.73
CA GLU A 515 37.35 -20.17 14.27
C GLU A 515 35.90 -20.11 13.77
N ASP A 516 35.70 -19.57 12.56
CA ASP A 516 34.37 -19.53 11.96
C ASP A 516 34.10 -20.92 11.40
N ASN A 517 33.01 -21.56 11.87
CA ASN A 517 32.63 -22.90 11.45
C ASN A 517 32.10 -22.87 10.00
N ILE A 518 32.60 -23.79 9.13
CA ILE A 518 32.13 -23.93 7.74
C ILE A 518 31.14 -25.10 7.72
N HIS A 519 29.95 -24.78 8.21
CA HIS A 519 28.81 -25.65 8.51
C HIS A 519 27.69 -25.55 7.46
N SER A 520 26.45 -25.92 7.90
CA SER A 520 25.16 -25.93 7.18
C SER A 520 24.15 -25.08 8.00
N GLU A 521 23.66 -23.96 7.45
CA GLU A 521 22.78 -23.09 8.26
C GLU A 521 21.33 -23.57 8.18
N GLU A 522 21.13 -24.86 8.51
CA GLU A 522 19.86 -25.58 8.47
C GLU A 522 19.00 -25.34 9.72
N ALA A 523 17.75 -25.84 9.66
CA ALA A 523 16.78 -25.57 10.69
C ALA A 523 15.80 -26.72 11.03
N GLU A 524 14.47 -26.65 10.66
CA GLU A 524 13.54 -27.68 11.16
C GLU A 524 12.22 -27.88 10.39
N ILE A 525 11.74 -29.15 10.37
CA ILE A 525 10.53 -29.62 9.66
C ILE A 525 9.23 -29.32 10.44
N SER A 526 8.13 -29.18 9.67
CA SER A 526 6.78 -28.95 10.16
C SER A 526 6.18 -30.18 10.86
N GLU A 527 6.96 -31.28 11.00
CA GLU A 527 6.56 -32.48 11.75
C GLU A 527 6.73 -32.12 13.25
N LYS A 528 5.77 -31.29 13.74
CA LYS A 528 5.64 -30.69 15.07
C LYS A 528 6.89 -29.92 15.48
N GLU B 9 -2.87 -5.43 43.96
CA GLU B 9 -2.17 -5.81 42.72
C GLU B 9 -1.30 -4.66 42.16
N LYS B 10 -1.80 -3.39 42.25
CA LYS B 10 -1.15 -2.10 41.92
C LYS B 10 -0.30 -1.49 40.80
N TYR B 11 -0.92 -1.24 39.64
CA TYR B 11 -0.24 -0.68 38.48
C TYR B 11 0.35 0.71 38.29
N GLN B 12 1.27 0.84 37.32
CA GLN B 12 1.95 2.08 36.92
C GLN B 12 1.35 2.62 35.62
N THR B 13 1.36 3.96 35.44
CA THR B 13 0.81 4.55 34.22
C THR B 13 1.94 5.09 33.33
N TYR B 14 2.23 4.38 32.22
CA TYR B 14 3.22 4.74 31.19
C TYR B 14 2.40 5.59 30.22
N TYR B 15 2.85 6.82 29.91
CA TYR B 15 2.12 7.79 29.07
C TYR B 15 0.85 8.31 29.78
N THR B 16 0.68 9.63 29.81
CA THR B 16 -0.45 10.26 30.49
C THR B 16 -1.09 11.34 29.62
N THR B 17 -1.72 12.29 30.30
CA THR B 17 -2.28 13.53 29.80
C THR B 17 -1.38 14.66 30.43
N ASN B 18 -0.79 15.54 29.61
CA ASN B 18 -0.97 15.59 28.17
C ASN B 18 0.19 14.94 27.39
N GLU B 19 0.93 14.00 28.04
CA GLU B 19 2.07 13.30 27.43
C GLU B 19 1.72 12.62 26.10
N TYR B 20 0.51 12.05 25.99
CA TYR B 20 0.03 11.41 24.78
C TYR B 20 -0.07 12.43 23.64
N GLN B 21 -0.70 13.60 23.93
CA GLN B 21 -0.85 14.73 22.99
C GLN B 21 0.52 15.17 22.49
N ILE B 22 1.46 15.46 23.45
CA ILE B 22 2.84 15.88 23.19
C ILE B 22 3.49 15.01 22.09
N VAL B 23 3.29 13.67 22.20
CA VAL B 23 3.83 12.70 21.24
C VAL B 23 3.16 12.87 19.85
N LYS B 24 1.81 12.78 19.80
CA LYS B 24 1.02 12.92 18.54
C LYS B 24 1.40 14.17 17.75
N GLU B 25 1.70 15.28 18.46
CA GLU B 25 2.10 16.56 17.90
C GLU B 25 3.40 16.44 17.08
N LYS B 26 4.54 16.21 17.77
CA LYS B 26 5.85 16.12 17.14
C LYS B 26 6.09 14.84 16.32
N LEU B 27 5.29 13.80 16.54
CA LEU B 27 5.45 12.50 15.88
C LEU B 27 5.61 12.55 14.35
N PRO B 28 4.75 13.21 13.54
CA PRO B 28 4.98 13.20 12.08
C PRO B 28 6.26 13.92 11.65
N ASP B 29 6.71 14.92 12.46
CA ASP B 29 7.95 15.68 12.24
C ASP B 29 9.16 14.75 12.45
N ILE B 30 9.11 13.97 13.56
CA ILE B 30 10.12 12.98 13.96
C ILE B 30 10.20 11.88 12.90
N ILE B 31 9.04 11.42 12.41
CA ILE B 31 8.91 10.40 11.37
C ILE B 31 9.59 10.93 10.10
N ARG B 32 9.38 12.23 9.79
CA ARG B 32 9.99 12.95 8.65
C ARG B 32 11.52 12.97 8.84
N ASP B 33 11.98 13.49 10.00
CA ASP B 33 13.39 13.56 10.41
C ASP B 33 14.09 12.22 10.32
N ALA B 34 13.33 11.11 10.53
CA ALA B 34 13.81 9.74 10.47
C ALA B 34 13.88 9.26 9.04
N GLU B 35 12.88 9.62 8.20
CA GLU B 35 12.83 9.26 6.77
C GLU B 35 13.97 9.92 6.03
N ILE B 36 14.39 11.12 6.51
CA ILE B 36 15.52 11.89 6.01
C ILE B 36 16.79 11.09 6.23
N LYS B 37 16.96 10.56 7.46
CA LYS B 37 18.12 9.75 7.85
C LYS B 37 18.16 8.46 7.04
N ALA B 38 17.00 7.81 6.92
CA ALA B 38 16.83 6.59 6.15
C ALA B 38 17.22 6.78 4.70
N SER B 39 16.83 7.95 4.12
CA SER B 39 17.10 8.30 2.73
C SER B 39 18.57 8.64 2.44
N GLU B 40 19.34 8.97 3.49
CA GLU B 40 20.74 9.33 3.34
C GLU B 40 21.68 8.15 3.60
N VAL B 41 21.15 6.98 4.04
CA VAL B 41 22.01 5.81 4.39
C VAL B 41 21.52 4.42 3.84
N LEU B 42 20.21 4.24 3.44
CA LEU B 42 19.71 2.91 2.98
C LEU B 42 19.73 2.66 1.45
N GLU B 43 20.55 1.67 0.96
CA GLU B 43 20.66 1.28 -0.46
C GLU B 43 19.31 0.74 -1.01
N PRO B 44 18.77 1.29 -2.13
CA PRO B 44 19.25 2.43 -2.91
C PRO B 44 18.94 3.76 -2.20
N THR B 45 19.96 4.65 -2.04
CA THR B 45 19.83 6.00 -1.41
C THR B 45 19.52 7.01 -2.48
N ILE B 46 19.20 8.30 -2.11
CA ILE B 46 18.97 9.36 -3.10
C ILE B 46 20.16 9.53 -4.09
N TYR B 47 21.37 9.06 -3.72
CA TYR B 47 22.60 9.09 -4.53
C TYR B 47 22.69 7.90 -5.51
N GLU B 48 21.60 7.13 -5.60
CA GLU B 48 21.36 5.99 -6.49
C GLU B 48 20.03 6.26 -7.21
N LYS B 49 19.04 6.85 -6.46
CA LYS B 49 17.71 7.22 -6.95
C LYS B 49 17.86 8.23 -8.12
N ARG B 50 18.38 9.45 -7.80
CA ARG B 50 18.61 10.56 -8.74
C ARG B 50 19.44 10.15 -9.95
N ALA B 51 20.38 9.18 -9.77
CA ALA B 51 21.19 8.59 -10.85
C ALA B 51 20.28 7.85 -11.81
N ILE B 52 19.51 6.84 -11.32
CA ILE B 52 18.57 6.09 -12.15
C ILE B 52 17.51 7.03 -12.76
N MET B 53 16.93 7.95 -11.95
CA MET B 53 15.93 8.98 -12.34
C MET B 53 16.42 9.81 -13.53
N GLU B 54 17.69 10.30 -13.45
CA GLU B 54 18.26 11.12 -14.52
C GLU B 54 18.53 10.30 -15.75
N VAL B 55 18.85 8.99 -15.61
CA VAL B 55 19.02 8.07 -16.77
C VAL B 55 17.67 7.96 -17.52
N ILE B 56 16.56 7.70 -16.78
CA ILE B 56 15.20 7.57 -17.33
C ILE B 56 14.72 8.90 -17.93
N LYS B 57 14.92 10.03 -17.20
CA LYS B 57 14.58 11.40 -17.68
C LYS B 57 15.26 11.74 -19.01
N ASP B 58 16.50 11.20 -19.24
CA ASP B 58 17.30 11.34 -20.47
C ASP B 58 16.65 10.56 -21.61
N PHE B 59 16.17 9.32 -21.33
CA PHE B 59 15.49 8.42 -22.28
C PHE B 59 14.17 9.02 -22.77
N ILE B 60 13.40 9.60 -21.83
CA ILE B 60 12.13 10.24 -22.12
C ILE B 60 12.41 11.41 -23.07
N ARG B 61 13.45 12.20 -22.78
CA ARG B 61 13.86 13.34 -23.61
C ARG B 61 14.20 12.89 -25.03
N ASP B 62 15.01 11.80 -25.16
CA ASP B 62 15.49 11.18 -26.40
C ASP B 62 14.37 10.72 -27.32
N HIS B 63 13.47 9.87 -26.79
CA HIS B 63 12.36 9.31 -27.57
C HIS B 63 11.13 10.21 -27.57
N GLN B 64 11.17 11.27 -26.75
CA GLN B 64 10.14 12.30 -26.57
C GLN B 64 8.82 11.68 -26.21
N ARG B 65 8.78 11.18 -24.99
CA ARG B 65 7.58 10.59 -24.45
C ARG B 65 6.85 11.62 -23.60
N LYS B 66 5.60 11.33 -23.25
CA LYS B 66 4.80 12.28 -22.51
C LYS B 66 4.61 11.86 -21.05
N VAL B 67 5.20 12.61 -20.12
CA VAL B 67 5.14 12.35 -18.68
C VAL B 67 3.83 12.88 -18.13
N TYR B 68 3.14 12.06 -17.32
CA TYR B 68 1.88 12.41 -16.66
C TYR B 68 1.98 12.13 -15.16
N GLY B 69 0.82 12.29 -14.49
CA GLY B 69 0.63 12.03 -13.07
C GLY B 69 1.22 13.03 -12.09
N GLY B 70 1.89 12.49 -11.07
CA GLY B 70 2.50 13.22 -9.95
C GLY B 70 3.77 13.97 -10.31
N THR B 71 4.71 13.26 -10.97
CA THR B 71 5.97 13.81 -11.49
C THR B 71 5.60 15.05 -12.36
N ALA B 72 4.71 14.85 -13.39
CA ALA B 72 4.23 15.88 -14.33
C ALA B 72 3.54 17.03 -13.65
N LEU B 73 2.54 16.76 -12.78
CA LEU B 73 1.85 17.84 -12.08
C LEU B 73 2.84 18.62 -11.24
N ASN B 74 3.74 17.90 -10.54
CA ASN B 74 4.77 18.49 -9.69
C ASN B 74 5.58 19.59 -10.43
N GLU B 75 6.27 19.22 -11.53
CA GLU B 75 7.08 20.10 -12.38
C GLU B 75 6.27 21.28 -12.94
N ALA B 76 4.99 21.05 -13.30
CA ALA B 76 4.08 22.10 -13.82
C ALA B 76 3.70 23.09 -12.72
N LEU B 77 3.33 22.57 -11.57
CA LEU B 77 3.06 23.40 -10.42
C LEU B 77 4.33 24.24 -10.18
N LYS B 78 5.53 23.57 -10.25
CA LYS B 78 6.88 24.15 -10.07
C LYS B 78 7.20 25.29 -11.04
N GLN B 79 6.89 25.11 -12.33
CA GLN B 79 7.14 26.12 -13.36
C GLN B 79 6.35 27.43 -13.12
N VAL B 80 5.28 27.38 -12.27
CA VAL B 80 4.39 28.50 -11.88
C VAL B 80 4.62 28.94 -10.43
N ASN B 81 5.09 28.00 -9.58
CA ASN B 81 5.42 28.18 -8.16
C ASN B 81 6.08 26.85 -7.74
N PRO B 82 7.26 26.88 -7.06
CA PRO B 82 7.90 25.62 -6.63
C PRO B 82 7.44 25.34 -5.19
N LYS B 83 6.71 26.32 -4.59
CA LYS B 83 6.15 26.23 -3.24
C LYS B 83 4.79 25.53 -3.27
N ASP B 84 4.08 25.62 -4.42
CA ASP B 84 2.80 24.95 -4.56
C ASP B 84 2.96 23.51 -5.12
N ALA B 85 4.22 22.99 -5.20
CA ALA B 85 4.58 21.64 -5.66
C ALA B 85 3.96 20.54 -4.77
N ILE B 86 3.69 19.35 -5.35
CA ILE B 86 3.06 18.26 -4.61
C ILE B 86 4.08 17.38 -3.91
N TYR B 87 5.06 16.83 -4.65
CA TYR B 87 6.13 16.04 -4.04
C TYR B 87 7.12 17.01 -3.40
N ASP B 88 7.10 17.08 -2.03
CA ASP B 88 7.89 17.98 -1.17
C ASP B 88 9.25 18.67 -0.89
N ASN B 89 10.33 17.85 -0.71
CA ASN B 89 11.68 18.37 -0.47
C ASN B 89 12.17 16.92 -0.65
N TYR B 90 12.43 16.59 -1.93
CA TYR B 90 12.89 15.31 -2.50
C TYR B 90 12.22 14.06 -1.85
N SER B 91 10.86 14.03 -1.91
CA SER B 91 10.03 12.92 -1.46
C SER B 91 9.92 12.00 -2.68
N PHE B 92 10.56 10.79 -2.61
CA PHE B 92 10.66 9.85 -3.73
C PHE B 92 9.28 9.54 -4.38
N SER B 93 9.20 9.96 -5.66
CA SER B 93 8.05 9.88 -6.58
C SER B 93 8.24 8.82 -7.68
N ASP B 94 7.16 8.45 -8.37
CA ASP B 94 7.23 7.45 -9.44
C ASP B 94 7.18 8.11 -10.80
N ILE B 95 8.05 7.68 -11.72
CA ILE B 95 7.99 8.19 -13.10
C ILE B 95 6.86 7.41 -13.81
N GLU B 96 5.93 8.11 -14.47
CA GLU B 96 4.82 7.55 -15.26
C GLU B 96 4.71 8.35 -16.56
N PHE B 97 4.88 7.66 -17.70
CA PHE B 97 4.83 8.32 -19.00
C PHE B 97 4.11 7.49 -20.08
N TYR B 98 3.48 8.21 -21.04
CA TYR B 98 2.76 7.65 -22.18
C TYR B 98 3.73 7.35 -23.35
N SER B 99 3.50 6.23 -24.07
CA SER B 99 4.33 5.78 -25.20
C SER B 99 3.57 4.87 -26.17
N PRO B 100 3.69 5.08 -27.50
CA PRO B 100 2.99 4.20 -28.45
C PRO B 100 3.66 2.83 -28.61
N THR B 101 4.98 2.74 -28.32
CA THR B 101 5.74 1.48 -28.35
C THR B 101 6.25 1.23 -26.90
N PRO B 102 5.36 0.88 -25.93
CA PRO B 102 5.82 0.79 -24.53
C PRO B 102 6.73 -0.40 -24.20
N VAL B 103 6.46 -1.59 -24.76
CA VAL B 103 7.27 -2.78 -24.53
C VAL B 103 8.66 -2.60 -25.18
N GLN B 104 8.76 -1.96 -26.36
CA GLN B 104 10.08 -1.66 -26.95
C GLN B 104 10.81 -0.67 -26.02
N ASP B 105 10.14 0.43 -25.56
CA ASP B 105 10.72 1.40 -24.63
C ASP B 105 11.23 0.68 -23.37
N LEU B 106 10.41 -0.26 -22.83
CA LEU B 106 10.76 -1.04 -21.64
C LEU B 106 12.08 -1.76 -21.84
N VAL B 107 12.22 -2.48 -22.97
CA VAL B 107 13.42 -3.25 -23.32
C VAL B 107 14.63 -2.32 -23.50
N ASP B 108 14.44 -1.13 -24.11
CA ASP B 108 15.52 -0.15 -24.32
C ASP B 108 16.02 0.40 -22.98
N LEU B 109 15.11 0.98 -22.18
CA LEU B 109 15.42 1.53 -20.86
C LEU B 109 15.98 0.45 -19.93
N CYS B 110 15.52 -0.81 -20.06
CA CYS B 110 16.04 -1.92 -19.25
C CYS B 110 17.46 -2.27 -19.68
N ASN B 111 17.74 -2.22 -20.99
CA ASN B 111 19.08 -2.49 -21.52
C ASN B 111 20.04 -1.37 -21.10
N ILE B 112 19.69 -0.11 -21.42
CA ILE B 112 20.44 1.09 -21.07
C ILE B 112 20.87 1.07 -19.61
N LEU B 113 19.93 0.83 -18.66
CA LEU B 113 20.19 0.78 -17.22
C LEU B 113 21.11 -0.35 -16.80
N TYR B 114 21.00 -1.53 -17.45
CA TYR B 114 21.81 -2.71 -17.16
C TYR B 114 23.24 -2.44 -17.53
N ARG B 115 23.42 -2.01 -18.80
CA ARG B 115 24.70 -1.62 -19.42
C ARG B 115 25.37 -0.55 -18.56
N LYS B 116 24.61 0.46 -18.05
CA LYS B 116 25.09 1.52 -17.15
C LYS B 116 25.67 0.98 -15.83
N GLY B 117 25.50 -0.33 -15.57
CA GLY B 117 26.06 -1.01 -14.41
C GLY B 117 25.10 -1.62 -13.41
N TYR B 118 23.93 -0.97 -13.19
CA TYR B 118 22.93 -1.36 -12.21
C TYR B 118 22.43 -2.83 -12.27
N LYS B 119 21.86 -3.26 -11.14
CA LYS B 119 21.29 -4.55 -10.84
C LYS B 119 20.43 -4.29 -9.58
N PHE B 120 19.25 -4.91 -9.42
CA PHE B 120 18.60 -5.82 -10.36
C PHE B 120 17.69 -4.98 -11.26
N VAL B 121 17.99 -4.94 -12.56
CA VAL B 121 17.18 -4.18 -13.52
C VAL B 121 16.12 -5.14 -14.04
N GLN B 122 14.84 -4.86 -13.80
CA GLN B 122 13.75 -5.70 -14.25
C GLN B 122 12.57 -4.93 -14.81
N GLY B 123 12.05 -5.43 -15.93
CA GLY B 123 10.89 -4.90 -16.64
C GLY B 123 9.71 -5.84 -16.54
N LYS B 124 8.74 -5.50 -15.67
CA LYS B 124 7.54 -6.29 -15.40
C LYS B 124 6.33 -5.71 -16.13
N ASP B 125 5.28 -6.53 -16.28
CA ASP B 125 3.97 -6.12 -16.79
C ASP B 125 3.26 -5.67 -15.50
N ALA B 126 3.03 -4.33 -15.34
CA ALA B 126 2.45 -3.68 -14.15
C ALA B 126 1.08 -4.18 -13.72
N GLN B 127 0.31 -4.78 -14.67
CA GLN B 127 -1.03 -5.38 -14.52
C GLN B 127 -2.13 -4.28 -14.29
N HIS B 128 -2.09 -3.21 -15.11
CA HIS B 128 -3.13 -2.17 -15.01
C HIS B 128 -4.03 -1.56 -16.06
N GLU B 129 -3.51 -0.57 -16.81
CA GLU B 129 -4.21 0.16 -17.86
C GLU B 129 -3.13 0.09 -18.95
N GLU B 130 -2.81 -1.17 -19.38
CA GLU B 130 -1.77 -1.53 -20.36
C GLU B 130 -0.44 -0.84 -20.03
N THR B 131 -0.10 -0.89 -18.73
CA THR B 131 1.09 -0.33 -18.10
C THR B 131 2.12 -1.41 -17.81
N TYR B 132 3.41 -1.00 -17.93
CA TYR B 132 4.60 -1.81 -17.71
C TYR B 132 5.45 -1.14 -16.65
N SER B 133 6.21 -1.94 -15.87
CA SER B 133 7.04 -1.48 -14.75
C SER B 133 8.55 -1.73 -14.87
N ILE B 134 9.38 -0.73 -14.44
CA ILE B 134 10.86 -0.86 -14.36
C ILE B 134 11.28 -0.75 -12.90
N PHE B 135 11.95 -1.80 -12.44
CA PHE B 135 12.50 -1.88 -11.10
C PHE B 135 14.01 -1.97 -11.25
N VAL B 136 14.73 -1.28 -10.38
CA VAL B 136 16.18 -1.35 -10.35
C VAL B 136 16.55 -1.50 -8.89
N ASN B 137 17.30 -2.55 -8.56
CA ASN B 137 17.78 -2.84 -7.20
C ASN B 137 16.62 -2.85 -6.18
N PHE B 138 15.56 -3.64 -6.51
CA PHE B 138 14.34 -3.86 -5.74
C PHE B 138 13.58 -2.58 -5.45
N GLN B 139 13.64 -1.64 -6.38
CA GLN B 139 12.98 -0.35 -6.23
C GLN B 139 12.33 0.06 -7.55
N LEU B 140 11.02 0.28 -7.48
CA LEU B 140 10.22 0.73 -8.62
C LEU B 140 10.61 2.16 -8.92
N TYR B 141 11.03 2.41 -10.18
CA TYR B 141 11.45 3.74 -10.59
C TYR B 141 10.46 4.36 -11.55
N CYS B 142 10.00 3.58 -12.54
CA CYS B 142 9.07 4.13 -13.51
C CYS B 142 8.02 3.12 -14.02
N ASP B 143 6.98 3.69 -14.67
CA ASP B 143 5.84 3.02 -15.30
C ASP B 143 5.58 3.61 -16.69
N ILE B 144 5.56 2.71 -17.71
CA ILE B 144 5.30 3.05 -19.10
C ILE B 144 3.87 2.60 -19.43
N THR B 145 3.04 3.56 -19.90
CA THR B 145 1.62 3.34 -20.24
C THR B 145 1.36 3.46 -21.76
N TYR B 146 0.66 2.45 -22.32
CA TYR B 146 0.33 2.43 -23.73
C TYR B 146 -0.73 3.48 -24.14
N SER B 147 -0.34 4.33 -25.07
CA SER B 147 -1.20 5.35 -25.63
C SER B 147 -1.27 5.13 -27.14
N PRO B 148 -2.46 4.86 -27.75
CA PRO B 148 -2.52 4.64 -29.21
C PRO B 148 -2.09 5.89 -29.96
N THR B 149 -1.34 5.67 -31.07
CA THR B 149 -0.74 6.66 -31.98
C THR B 149 -1.58 7.92 -32.11
N ARG B 150 -2.86 7.72 -32.44
CA ARG B 150 -3.87 8.74 -32.65
C ARG B 150 -4.01 9.67 -31.46
N VAL B 151 -4.18 9.08 -30.27
CA VAL B 151 -4.37 9.75 -28.99
C VAL B 151 -3.08 10.46 -28.62
N PHE B 152 -1.99 9.67 -28.56
CA PHE B 152 -0.65 10.06 -28.15
C PHE B 152 -0.24 11.45 -28.67
N TYR B 153 -0.16 11.62 -30.02
CA TYR B 153 0.28 12.90 -30.61
C TYR B 153 -0.75 14.04 -30.48
N GLY B 154 -2.00 13.69 -30.13
CA GLY B 154 -3.05 14.66 -29.90
C GLY B 154 -2.98 15.28 -28.53
N ILE B 155 -2.22 14.63 -27.59
CA ILE B 155 -2.09 15.11 -26.20
C ILE B 155 -1.29 16.42 -26.15
N LYS B 156 -1.98 17.52 -25.73
CA LYS B 156 -1.33 18.82 -25.56
C LYS B 156 -0.33 18.68 -24.42
N THR B 157 0.89 19.18 -24.66
CA THR B 157 2.02 19.08 -23.76
C THR B 157 2.56 20.46 -23.41
N ILE B 158 3.29 20.51 -22.29
CA ILE B 158 4.02 21.65 -21.77
C ILE B 158 5.47 21.15 -21.67
N GLU B 159 6.42 21.93 -22.25
CA GLU B 159 7.84 21.58 -22.27
C GLU B 159 8.62 22.22 -21.12
N ILE B 160 9.44 21.37 -20.45
CA ILE B 160 10.35 21.77 -19.37
C ILE B 160 11.56 20.87 -19.52
N ASP B 161 12.75 21.47 -19.74
CA ASP B 161 14.03 20.77 -19.88
C ASP B 161 13.97 19.67 -20.97
N GLY B 162 13.43 19.98 -22.13
CA GLY B 162 13.32 19.04 -23.25
C GLY B 162 12.48 17.81 -22.99
N ILE B 163 11.55 17.89 -22.01
CA ILE B 163 10.64 16.80 -21.64
C ILE B 163 9.18 17.30 -21.75
N ASN B 164 8.34 16.43 -22.31
CA ASN B 164 6.94 16.68 -22.59
C ASN B 164 6.07 16.31 -21.42
N TYR B 165 5.66 17.31 -20.66
CA TYR B 165 4.82 17.10 -19.49
C TYR B 165 3.37 17.35 -19.90
N THR B 166 2.48 16.36 -19.64
CA THR B 166 1.04 16.38 -19.98
C THR B 166 0.34 17.67 -19.50
N ASP B 167 -0.32 18.34 -20.44
CA ASP B 167 -1.02 19.60 -20.17
C ASP B 167 -1.87 19.51 -18.92
N PRO B 168 -1.74 20.49 -17.98
CA PRO B 168 -2.56 20.48 -16.77
C PRO B 168 -4.07 20.34 -16.99
N HIS B 169 -4.58 20.99 -18.08
CA HIS B 169 -6.01 20.93 -18.42
C HIS B 169 -6.42 19.61 -19.01
N PHE B 170 -5.45 18.74 -19.36
CA PHE B 170 -5.68 17.39 -19.84
C PHE B 170 -5.63 16.43 -18.64
N MET B 171 -4.63 16.59 -17.73
CA MET B 171 -4.48 15.78 -16.53
C MET B 171 -5.77 15.91 -15.71
N LEU B 172 -6.35 17.14 -15.69
CA LEU B 172 -7.60 17.47 -15.02
C LEU B 172 -8.70 16.41 -15.30
N ILE B 173 -8.81 15.92 -16.58
CA ILE B 173 -9.75 14.88 -17.03
C ILE B 173 -9.62 13.69 -16.08
N ASP B 174 -8.39 13.15 -15.89
CA ASP B 174 -8.09 12.04 -14.98
C ASP B 174 -8.48 12.30 -13.51
N TYR B 175 -8.32 13.56 -13.05
CA TYR B 175 -8.70 13.90 -11.68
C TYR B 175 -10.19 13.90 -11.53
N LEU B 176 -10.94 14.43 -12.52
CA LEU B 176 -12.43 14.40 -12.50
C LEU B 176 -12.90 12.96 -12.62
N ARG B 177 -12.19 12.16 -13.45
CA ARG B 177 -12.42 10.74 -13.68
C ARG B 177 -12.41 9.97 -12.34
N MET B 178 -11.59 10.44 -11.37
CA MET B 178 -11.51 9.89 -10.00
C MET B 178 -12.76 10.27 -9.19
N VAL B 179 -13.12 11.58 -9.13
CA VAL B 179 -14.31 12.03 -8.37
C VAL B 179 -15.60 11.50 -9.01
N ASN B 180 -15.53 11.08 -10.29
CA ASN B 180 -16.69 10.57 -11.00
C ASN B 180 -16.83 9.04 -10.89
N GLN B 181 -16.03 8.41 -9.99
CA GLN B 181 -16.14 7.00 -9.64
C GLN B 181 -16.35 6.89 -8.08
N PRO B 182 -17.51 7.35 -7.53
CA PRO B 182 -17.71 7.32 -6.06
C PRO B 182 -17.66 5.97 -5.36
N LEU B 183 -18.06 4.89 -6.02
CA LEU B 183 -18.05 3.61 -5.30
C LEU B 183 -16.70 2.92 -5.35
N THR B 184 -15.97 3.08 -6.43
CA THR B 184 -14.72 2.37 -6.57
C THR B 184 -13.49 3.18 -6.20
N ALA B 185 -13.61 4.54 -6.16
CA ALA B 185 -12.44 5.39 -5.90
C ALA B 185 -12.56 6.47 -4.81
N ALA B 186 -13.58 6.42 -3.94
CA ALA B 186 -13.75 7.46 -2.91
C ALA B 186 -12.75 7.38 -1.75
N GLY B 187 -12.46 6.17 -1.29
CA GLY B 187 -11.55 5.95 -0.18
C GLY B 187 -10.14 6.28 -0.56
N GLN B 188 -9.58 5.47 -1.45
CA GLN B 188 -8.20 5.53 -1.93
C GLN B 188 -7.80 6.77 -2.78
N ARG B 189 -8.76 7.57 -3.33
CA ARG B 189 -8.33 8.68 -4.21
C ARG B 189 -8.89 10.06 -3.91
N TRP B 190 -10.11 10.20 -3.41
CA TRP B 190 -10.75 11.51 -3.27
C TRP B 190 -10.01 12.52 -2.40
N GLU B 191 -9.06 12.09 -1.57
CA GLU B 191 -8.36 13.04 -0.72
C GLU B 191 -7.20 13.71 -1.47
N LYS B 192 -6.37 12.91 -2.16
CA LYS B 192 -5.25 13.39 -2.97
C LYS B 192 -5.78 14.08 -4.24
N ALA B 193 -6.73 13.43 -4.95
CA ALA B 193 -7.32 14.01 -6.15
C ALA B 193 -7.99 15.37 -5.90
N PHE B 194 -8.61 15.60 -4.72
CA PHE B 194 -9.17 16.93 -4.45
C PHE B 194 -8.05 17.94 -4.22
N GLU B 195 -7.07 17.58 -3.37
CA GLU B 195 -5.94 18.44 -3.03
C GLU B 195 -5.21 18.86 -4.30
N ARG B 196 -4.95 17.91 -5.21
CA ARG B 196 -4.26 18.12 -6.48
C ARG B 196 -5.12 18.95 -7.45
N MET B 197 -6.42 18.65 -7.53
CA MET B 197 -7.38 19.38 -8.37
C MET B 197 -7.40 20.86 -7.99
N TYR B 198 -7.32 21.13 -6.69
CA TYR B 198 -7.31 22.48 -6.16
C TYR B 198 -6.12 23.30 -6.67
N ARG B 199 -4.89 22.77 -6.40
CA ARG B 199 -3.56 23.34 -6.71
C ARG B 199 -3.28 23.44 -8.24
N LEU B 200 -3.94 22.56 -9.05
CA LEU B 200 -3.91 22.57 -10.51
C LEU B 200 -4.84 23.68 -10.95
N LEU B 201 -6.10 23.69 -10.49
CA LEU B 201 -7.04 24.72 -10.89
C LEU B 201 -6.76 26.11 -10.30
N LYS B 202 -5.65 26.28 -9.55
CA LYS B 202 -5.24 27.59 -9.01
C LYS B 202 -3.99 28.14 -9.74
N ASP B 203 -3.03 27.24 -10.12
CA ASP B 203 -1.80 27.52 -10.88
C ASP B 203 -2.08 27.46 -12.41
N TYR B 204 -3.18 26.79 -12.80
CA TYR B 204 -3.61 26.65 -14.19
C TYR B 204 -5.13 26.83 -14.19
N PRO B 205 -5.68 28.04 -13.95
CA PRO B 205 -7.15 28.15 -13.87
C PRO B 205 -7.88 27.86 -15.16
N ILE B 206 -9.21 27.76 -15.09
CA ILE B 206 -10.03 27.52 -16.26
C ILE B 206 -10.21 28.88 -16.92
N GLU B 207 -9.95 28.96 -18.23
CA GLU B 207 -10.06 30.16 -19.06
C GLU B 207 -11.46 30.82 -19.02
N ASP B 208 -11.54 32.12 -19.35
CA ASP B 208 -12.79 32.89 -19.42
C ASP B 208 -12.96 33.36 -20.86
N PHE B 209 -13.98 32.80 -21.54
CA PHE B 209 -14.29 33.12 -22.93
C PHE B 209 -15.56 33.92 -23.03
N ASP B 210 -15.48 35.10 -23.68
CA ASP B 210 -16.65 35.98 -23.87
C ASP B 210 -17.43 35.66 -25.15
N LYS B 211 -16.80 34.83 -26.04
CA LYS B 211 -17.31 34.35 -27.32
C LYS B 211 -18.62 33.54 -27.18
N ARG B 212 -19.49 33.61 -28.20
CA ARG B 212 -20.78 32.93 -28.23
C ARG B 212 -20.70 31.50 -28.73
N LEU B 213 -21.62 30.67 -28.24
CA LEU B 213 -21.76 29.27 -28.63
C LEU B 213 -22.41 29.27 -30.02
N ASP B 214 -21.66 28.73 -31.00
CA ASP B 214 -22.11 28.70 -32.38
C ASP B 214 -22.30 27.28 -32.88
N ILE B 215 -23.27 26.59 -32.25
CA ILE B 215 -23.66 25.22 -32.60
C ILE B 215 -24.82 25.29 -33.60
N PRO B 216 -24.62 24.74 -34.82
CA PRO B 216 -25.70 24.77 -35.82
C PRO B 216 -26.98 24.00 -35.46
N GLU B 217 -28.13 24.71 -35.55
CA GLU B 217 -29.48 24.20 -35.33
C GLU B 217 -29.81 23.20 -36.44
N PRO B 218 -30.19 21.94 -36.11
CA PRO B 218 -30.46 20.96 -37.17
C PRO B 218 -31.87 21.06 -37.80
N PRO B 219 -32.20 20.24 -38.84
CA PRO B 219 -33.54 20.33 -39.45
C PRO B 219 -34.71 20.13 -38.49
N GLU B 220 -35.92 20.60 -38.87
CA GLU B 220 -37.15 20.48 -38.06
C GLU B 220 -37.56 19.03 -37.83
N GLU B 221 -37.27 18.18 -38.84
CA GLU B 221 -37.49 16.73 -38.89
C GLU B 221 -36.49 16.07 -37.93
N ILE B 222 -35.20 16.41 -38.03
CA ILE B 222 -34.16 15.85 -37.18
C ILE B 222 -34.42 16.26 -35.70
N GLN B 223 -34.70 17.56 -35.41
CA GLN B 223 -35.08 18.04 -34.08
C GLN B 223 -36.37 17.33 -33.58
N SER B 224 -37.30 17.01 -34.51
CA SER B 224 -38.52 16.28 -34.18
C SER B 224 -38.17 14.82 -33.80
N TYR B 225 -37.22 14.20 -34.52
CA TYR B 225 -36.80 12.82 -34.20
C TYR B 225 -36.02 12.81 -32.87
N ILE B 226 -35.40 13.95 -32.51
CA ILE B 226 -34.63 14.12 -31.27
C ILE B 226 -35.58 14.24 -30.08
N SER B 227 -36.52 15.22 -30.12
CA SER B 227 -37.53 15.52 -29.10
C SER B 227 -38.39 14.30 -28.70
N ARG B 228 -38.86 13.54 -29.70
CA ARG B 228 -39.70 12.35 -29.51
C ARG B 228 -38.96 11.21 -28.79
N ILE B 229 -37.61 11.21 -28.79
CA ILE B 229 -36.80 10.26 -28.03
C ILE B 229 -36.99 10.61 -26.56
N LYS B 230 -36.98 11.91 -26.22
CA LYS B 230 -37.18 12.40 -24.87
C LYS B 230 -38.62 12.13 -24.39
N THR B 231 -39.63 12.40 -25.25
CA THR B 231 -41.02 12.22 -24.86
C THR B 231 -41.50 10.76 -24.93
N GLU B 232 -41.49 10.19 -26.13
CA GLU B 232 -41.99 8.85 -26.35
C GLU B 232 -41.06 7.70 -25.90
N PHE B 233 -39.72 7.91 -25.86
CA PHE B 233 -38.80 6.81 -25.53
C PHE B 233 -38.25 6.84 -24.10
N LEU B 234 -37.68 7.98 -23.66
CA LEU B 234 -37.10 8.16 -22.35
C LEU B 234 -38.13 8.38 -21.21
N SER B 235 -39.43 8.36 -21.54
CA SER B 235 -40.48 8.48 -20.55
C SER B 235 -40.88 7.09 -20.10
N ASP B 236 -40.80 6.09 -21.02
CA ASP B 236 -41.17 4.70 -20.75
C ASP B 236 -40.27 4.10 -19.65
N ASN B 237 -40.87 3.90 -18.48
CA ASN B 237 -40.18 3.43 -17.28
C ASN B 237 -39.55 2.05 -17.40
N LYS B 238 -39.92 1.28 -18.45
CA LYS B 238 -39.33 -0.03 -18.70
C LYS B 238 -38.25 0.10 -19.78
N LEU B 239 -37.93 1.33 -20.19
CA LEU B 239 -36.93 1.60 -21.22
C LEU B 239 -35.79 2.53 -20.78
N ASN B 240 -36.10 3.56 -19.98
CA ASN B 240 -35.13 4.58 -19.52
C ASN B 240 -34.35 4.26 -18.21
N GLU B 241 -34.38 3.02 -17.75
CA GLU B 241 -33.69 2.64 -16.50
C GLU B 241 -32.19 2.88 -16.58
N SER B 242 -31.54 2.45 -17.68
CA SER B 242 -30.07 2.54 -17.82
C SER B 242 -29.55 3.79 -18.56
N PHE B 243 -30.43 4.72 -18.89
CA PHE B 243 -30.02 5.91 -19.60
C PHE B 243 -29.69 7.07 -18.71
N LEU B 244 -28.68 7.84 -19.09
CA LEU B 244 -28.21 9.03 -18.43
C LEU B 244 -27.96 10.10 -19.50
N ILE B 245 -28.54 11.29 -19.29
CA ILE B 245 -28.48 12.42 -20.22
C ILE B 245 -27.16 13.17 -20.07
N SER B 246 -26.32 13.09 -21.10
CA SER B 246 -25.03 13.79 -21.19
C SER B 246 -25.17 14.79 -22.36
N GLY B 247 -24.05 15.31 -22.87
CA GLY B 247 -24.03 16.24 -23.99
C GLY B 247 -24.63 17.59 -23.67
N ILE B 248 -24.84 18.39 -24.72
CA ILE B 248 -25.35 19.76 -24.64
C ILE B 248 -26.71 19.80 -23.97
N GLU B 249 -27.50 18.70 -24.02
CA GLU B 249 -28.79 18.58 -23.33
C GLU B 249 -28.55 18.78 -21.81
N ALA B 250 -27.63 17.96 -21.24
CA ALA B 250 -27.20 18.01 -19.84
C ALA B 250 -26.51 19.33 -19.55
N TYR B 251 -25.72 19.81 -20.50
CA TYR B 251 -25.05 21.08 -20.33
C TYR B 251 -26.10 22.17 -20.10
N ASN B 252 -27.11 22.25 -21.00
CA ASN B 252 -28.21 23.21 -20.93
C ASN B 252 -28.99 23.10 -19.64
N PHE B 253 -29.09 21.88 -19.09
CA PHE B 253 -29.79 21.60 -17.83
C PHE B 253 -29.17 22.39 -16.69
N TYR B 254 -27.83 22.38 -16.59
CA TYR B 254 -27.13 23.13 -15.56
C TYR B 254 -27.12 24.62 -15.89
N ILE B 255 -27.20 24.97 -17.19
CA ILE B 255 -27.25 26.36 -17.65
C ILE B 255 -28.60 26.99 -17.22
N ARG B 256 -29.70 26.26 -17.37
CA ARG B 256 -31.04 26.75 -16.99
C ARG B 256 -31.18 26.87 -15.49
N HIS B 257 -30.65 25.87 -14.75
CA HIS B 257 -30.68 25.82 -13.29
C HIS B 257 -29.85 26.89 -12.59
N ALA B 258 -28.83 27.46 -13.27
CA ALA B 258 -28.01 28.53 -12.70
C ALA B 258 -28.83 29.83 -12.62
N ALA B 259 -29.84 29.96 -13.52
CA ALA B 259 -30.71 31.13 -13.61
C ALA B 259 -32.10 30.87 -13.00
N SER B 260 -32.13 30.53 -11.70
CA SER B 260 -33.37 30.29 -10.95
C SER B 260 -33.48 31.24 -9.74
N SER B 261 -34.34 32.29 -9.86
CA SER B 261 -34.57 33.35 -8.87
C SER B 261 -35.03 32.85 -7.50
N LEU B 277 -28.06 36.54 -18.97
CA LEU B 277 -29.40 36.75 -19.51
C LEU B 277 -29.98 35.43 -20.11
N ASN B 278 -29.53 34.26 -19.59
CA ASN B 278 -29.89 32.90 -20.06
C ASN B 278 -29.36 32.68 -21.51
N ASN B 279 -28.36 33.50 -21.91
CA ASN B 279 -27.68 33.52 -23.21
C ASN B 279 -26.63 32.43 -23.40
N PHE B 280 -26.34 31.65 -22.33
CA PHE B 280 -25.41 30.52 -22.41
C PHE B 280 -26.08 29.27 -23.03
N ILE B 281 -27.42 29.30 -23.23
CA ILE B 281 -28.17 28.19 -23.83
C ILE B 281 -27.65 27.91 -25.26
N ALA B 282 -27.63 26.63 -25.63
CA ALA B 282 -27.12 26.20 -26.93
C ALA B 282 -28.12 25.32 -27.69
N ASN B 283 -27.99 25.29 -29.03
CA ASN B 283 -28.81 24.46 -29.91
C ASN B 283 -28.33 23.03 -29.65
N VAL B 284 -29.24 22.12 -29.33
CA VAL B 284 -28.84 20.74 -29.10
C VAL B 284 -28.63 20.10 -30.49
N PRO B 285 -27.36 19.80 -30.89
CA PRO B 285 -27.15 19.26 -32.24
C PRO B 285 -27.66 17.84 -32.45
N PHE B 286 -27.81 17.09 -31.34
CA PHE B 286 -28.23 15.68 -31.25
C PHE B 286 -28.15 15.26 -29.78
N SER B 287 -28.79 14.12 -29.42
CA SER B 287 -28.72 13.57 -28.08
C SER B 287 -27.38 12.87 -27.84
N GLU B 288 -26.83 13.01 -26.64
CA GLU B 288 -25.64 12.28 -26.24
C GLU B 288 -26.09 11.62 -24.98
N LEU B 289 -26.17 10.28 -25.00
CA LEU B 289 -26.62 9.51 -23.85
C LEU B 289 -25.62 8.49 -23.43
N ILE B 290 -25.56 8.19 -22.12
CA ILE B 290 -24.69 7.14 -21.59
C ILE B 290 -25.59 6.03 -21.10
N SER B 291 -25.30 4.78 -21.52
CA SER B 291 -26.08 3.63 -21.08
C SER B 291 -25.23 2.69 -20.23
N VAL B 292 -25.79 2.27 -19.08
CA VAL B 292 -25.14 1.33 -18.16
C VAL B 292 -25.58 -0.12 -18.48
N ASN B 293 -26.19 -0.27 -19.68
CA ASN B 293 -26.71 -1.48 -20.31
C ASN B 293 -26.87 -1.00 -21.79
N TYR B 294 -25.72 -0.81 -22.42
CA TYR B 294 -25.52 -0.31 -23.79
C TYR B 294 -26.15 -1.18 -24.87
N ARG B 295 -25.68 -2.43 -25.11
CA ARG B 295 -26.14 -3.25 -26.24
C ARG B 295 -27.68 -3.34 -26.33
N GLU B 296 -28.36 -3.51 -25.17
CA GLU B 296 -29.81 -3.54 -25.09
C GLU B 296 -30.40 -2.15 -25.40
N ASP B 297 -29.91 -1.10 -24.74
CA ASP B 297 -30.38 0.27 -24.91
C ASP B 297 -30.15 0.84 -26.33
N VAL B 298 -29.09 0.39 -27.08
CA VAL B 298 -28.80 0.86 -28.45
C VAL B 298 -29.81 0.24 -29.41
N LYS B 299 -29.89 -1.11 -29.38
CA LYS B 299 -30.85 -1.86 -30.20
C LYS B 299 -32.25 -1.26 -29.98
N ASN B 300 -32.63 -1.01 -28.72
CA ASN B 300 -33.91 -0.41 -28.39
C ASN B 300 -34.07 1.01 -28.97
N THR B 301 -33.03 1.86 -28.98
CA THR B 301 -33.16 3.21 -29.57
C THR B 301 -33.36 3.07 -31.08
N TYR B 302 -32.54 2.20 -31.73
CA TYR B 302 -32.61 1.90 -33.16
C TYR B 302 -34.05 1.49 -33.58
N ASN B 303 -34.63 0.49 -32.91
CA ASN B 303 -35.97 -0.01 -33.17
C ASN B 303 -37.03 1.05 -32.96
N PHE B 304 -36.93 1.88 -31.89
CA PHE B 304 -37.86 2.98 -31.68
C PHE B 304 -37.80 3.97 -32.84
N LEU B 305 -36.59 4.44 -33.21
CA LEU B 305 -36.36 5.39 -34.28
C LEU B 305 -36.77 4.84 -35.63
N ARG B 306 -36.61 3.50 -35.84
CA ARG B 306 -37.03 2.79 -37.05
C ARG B 306 -38.55 2.74 -37.15
N MET B 307 -39.27 3.14 -36.09
CA MET B 307 -40.75 3.12 -36.07
C MET B 307 -41.31 4.53 -36.15
N ILE B 308 -40.71 5.45 -35.40
CA ILE B 308 -41.07 6.86 -35.30
C ILE B 308 -40.61 7.67 -36.53
N VAL B 309 -39.70 7.10 -37.33
CA VAL B 309 -39.13 7.75 -38.51
C VAL B 309 -40.00 7.55 -39.80
N GLU B 310 -39.94 8.56 -40.70
CA GLU B 310 -40.58 8.63 -42.02
C GLU B 310 -39.50 8.10 -42.99
N ASP B 311 -39.67 6.88 -43.54
CA ASP B 311 -38.69 6.19 -44.39
C ASP B 311 -37.42 5.81 -43.61
N LYS B 312 -37.45 4.56 -43.18
CA LYS B 312 -36.51 3.76 -42.38
C LYS B 312 -35.21 3.43 -43.12
N GLU B 313 -35.17 3.56 -44.43
CA GLU B 313 -33.96 3.21 -45.17
C GLU B 313 -32.93 4.36 -45.19
N LYS B 314 -33.33 5.51 -44.61
CA LYS B 314 -32.51 6.71 -44.43
C LYS B 314 -31.72 6.65 -43.07
N ILE B 315 -32.05 5.65 -42.24
CA ILE B 315 -31.38 5.33 -40.97
C ILE B 315 -30.07 4.59 -41.28
N SER B 316 -28.95 5.11 -40.74
CA SER B 316 -27.61 4.56 -40.83
C SER B 316 -26.99 4.51 -39.42
N VAL B 317 -26.08 3.55 -39.19
CA VAL B 317 -25.44 3.38 -37.88
C VAL B 317 -23.92 3.43 -37.98
N ASP B 318 -23.34 4.40 -37.29
CA ASP B 318 -21.90 4.59 -37.13
C ASP B 318 -21.45 4.20 -35.71
N GLU B 319 -20.41 3.35 -35.62
CA GLU B 319 -19.82 2.89 -34.36
C GLU B 319 -18.43 3.45 -34.22
N TYR B 320 -17.96 3.58 -32.99
CA TYR B 320 -16.66 4.15 -32.68
C TYR B 320 -16.02 3.38 -31.55
N PHE B 321 -14.70 3.20 -31.65
CA PHE B 321 -13.92 2.56 -30.62
C PHE B 321 -13.86 3.44 -29.35
N PRO B 322 -13.45 2.92 -28.15
CA PRO B 322 -13.39 3.80 -26.98
C PRO B 322 -12.33 4.89 -27.16
N LEU B 323 -12.60 6.14 -26.71
CA LEU B 323 -11.60 7.21 -26.81
C LEU B 323 -10.64 7.05 -25.66
N PHE B 324 -9.48 6.41 -25.94
CA PHE B 324 -8.42 6.17 -24.95
C PHE B 324 -9.05 5.52 -23.70
N GLN B 325 -8.90 6.14 -22.55
CA GLN B 325 -9.41 5.65 -21.30
C GLN B 325 -10.43 6.63 -20.74
N PHE B 326 -11.00 7.46 -21.62
CA PHE B 326 -11.97 8.45 -21.18
C PHE B 326 -13.41 8.07 -21.44
N THR B 327 -13.66 7.12 -22.35
CA THR B 327 -15.01 6.67 -22.69
C THR B 327 -14.96 5.21 -23.09
N GLY B 328 -16.13 4.62 -23.21
CA GLY B 328 -16.29 3.27 -23.71
C GLY B 328 -16.64 3.37 -25.18
N TYR B 329 -17.27 2.33 -25.75
CA TYR B 329 -17.69 2.38 -27.14
C TYR B 329 -18.84 3.37 -27.26
N SER B 330 -19.08 3.85 -28.50
CA SER B 330 -20.16 4.78 -28.82
C SER B 330 -20.83 4.34 -30.10
N THR B 331 -22.09 4.77 -30.31
CA THR B 331 -22.85 4.48 -31.50
C THR B 331 -23.69 5.67 -31.82
N VAL B 332 -23.58 6.13 -33.06
CA VAL B 332 -24.39 7.20 -33.58
C VAL B 332 -25.47 6.59 -34.50
N ILE B 333 -26.74 6.95 -34.26
CA ILE B 333 -27.84 6.57 -35.12
C ILE B 333 -28.20 7.86 -35.90
N LYS B 334 -28.06 7.76 -37.23
CA LYS B 334 -28.22 8.85 -38.18
C LYS B 334 -29.37 8.64 -39.10
N TYR B 335 -30.15 9.68 -39.35
CA TYR B 335 -31.24 9.68 -40.34
C TYR B 335 -30.81 10.68 -41.39
N ASP B 336 -30.50 10.23 -42.62
CA ASP B 336 -30.04 11.11 -43.72
C ASP B 336 -28.69 11.71 -43.33
N ASP B 337 -27.77 10.84 -42.93
CA ASP B 337 -26.41 11.19 -42.48
C ASP B 337 -26.38 12.36 -41.44
N HIS B 338 -27.51 12.59 -40.75
CA HIS B 338 -27.67 13.58 -39.68
C HIS B 338 -27.72 12.84 -38.33
N PRO B 339 -26.85 13.21 -37.36
CA PRO B 339 -26.87 12.55 -36.06
C PRO B 339 -28.12 12.92 -35.28
N ILE B 340 -28.84 11.90 -34.80
CA ILE B 340 -30.02 12.11 -33.98
C ILE B 340 -29.57 11.94 -32.52
N ILE B 341 -28.82 10.84 -32.29
CA ILE B 341 -28.37 10.38 -30.99
C ILE B 341 -27.04 9.66 -31.09
N ARG B 342 -26.17 9.90 -30.12
CA ARG B 342 -24.89 9.27 -29.89
C ARG B 342 -25.05 8.62 -28.52
N ILE B 343 -24.85 7.30 -28.46
CA ILE B 343 -24.95 6.52 -27.23
C ILE B 343 -23.57 6.02 -26.81
N TYR B 344 -23.22 6.28 -25.55
CA TYR B 344 -21.97 5.90 -24.93
C TYR B 344 -22.14 4.72 -24.00
N GLU B 345 -21.13 3.85 -23.96
CA GLU B 345 -21.15 2.66 -23.14
C GLU B 345 -20.55 2.90 -21.74
N GLY B 346 -21.43 2.96 -20.74
CA GLY B 346 -21.09 3.13 -19.33
C GLY B 346 -21.12 1.82 -18.55
N ASP B 347 -21.24 0.68 -19.28
CA ASP B 347 -21.26 -0.68 -18.71
C ASP B 347 -20.06 -0.88 -17.78
N GLY B 348 -20.33 -1.27 -16.52
CA GLY B 348 -19.31 -1.53 -15.50
C GLY B 348 -18.95 -0.35 -14.60
N TYR B 349 -19.68 0.79 -14.76
CA TYR B 349 -19.50 2.05 -14.04
C TYR B 349 -20.77 2.47 -13.37
N CYS B 350 -20.66 3.12 -12.21
CA CYS B 350 -21.81 3.68 -11.48
C CYS B 350 -21.73 5.22 -11.59
N ILE B 351 -22.41 5.79 -12.56
CA ILE B 351 -22.32 7.20 -12.88
C ILE B 351 -23.11 8.09 -11.92
N PRO B 352 -22.42 9.05 -11.26
CA PRO B 352 -23.11 10.00 -10.37
C PRO B 352 -24.11 10.80 -11.18
N ASN B 353 -25.36 10.84 -10.73
CA ASN B 353 -26.39 11.54 -11.49
C ASN B 353 -27.31 12.45 -10.68
N VAL B 354 -28.19 13.17 -11.38
CA VAL B 354 -29.23 13.99 -10.80
C VAL B 354 -30.56 13.58 -11.46
N LYS B 355 -31.32 12.70 -10.82
CA LYS B 355 -32.64 12.26 -11.33
C LYS B 355 -33.64 13.43 -11.18
N THR B 356 -34.58 13.60 -12.16
CA THR B 356 -35.65 14.62 -12.21
C THR B 356 -36.96 13.84 -12.44
N VAL B 357 -38.13 14.52 -12.26
CA VAL B 357 -39.45 13.89 -12.43
C VAL B 357 -40.49 14.88 -12.98
N LYS B 358 -40.72 14.78 -14.31
CA LYS B 358 -41.75 15.55 -15.03
C LYS B 358 -43.12 14.90 -14.76
N THR B 359 -43.89 15.49 -13.83
CA THR B 359 -45.23 15.01 -13.42
C THR B 359 -46.05 16.16 -12.79
N LYS B 369 -43.40 9.71 -18.37
CA LYS B 369 -43.20 11.17 -18.32
C LYS B 369 -42.32 11.58 -17.14
N TYR B 370 -42.30 10.78 -16.06
CA TYR B 370 -41.61 11.07 -14.81
C TYR B 370 -40.09 11.16 -14.55
N GLU B 371 -39.36 10.06 -14.69
CA GLU B 371 -37.93 9.90 -14.43
C GLU B 371 -37.12 10.39 -15.65
N TYR B 372 -36.06 11.17 -15.41
CA TYR B 372 -35.04 11.65 -16.37
C TYR B 372 -33.77 11.76 -15.59
N LYS B 373 -32.73 11.03 -15.98
CA LYS B 373 -31.45 11.06 -15.26
C LYS B 373 -30.39 11.87 -15.99
N TYR B 374 -29.87 12.95 -15.36
CA TYR B 374 -28.80 13.78 -15.93
C TYR B 374 -27.49 13.44 -15.25
N VAL B 375 -26.40 13.36 -16.02
CA VAL B 375 -25.08 13.09 -15.46
C VAL B 375 -24.68 14.28 -14.56
N SER B 376 -23.99 13.99 -13.42
CA SER B 376 -23.57 14.96 -12.40
C SER B 376 -22.82 16.17 -12.99
N PHE B 377 -22.86 17.31 -12.28
CA PHE B 377 -22.22 18.55 -12.70
C PHE B 377 -20.74 18.35 -13.04
N GLN B 378 -20.00 17.63 -12.20
CA GLN B 378 -18.58 17.36 -12.43
C GLN B 378 -18.37 16.32 -13.54
N TYR B 379 -19.45 15.56 -13.87
CA TYR B 379 -19.42 14.58 -14.95
C TYR B 379 -19.54 15.28 -16.31
N VAL B 380 -20.41 16.34 -16.39
CA VAL B 380 -20.62 17.11 -17.63
C VAL B 380 -19.33 17.93 -17.88
N LEU B 381 -18.85 18.64 -16.83
CA LEU B 381 -17.61 19.39 -16.84
C LEU B 381 -16.51 18.43 -17.32
N MET B 382 -16.58 17.14 -16.94
CA MET B 382 -15.63 16.12 -17.39
C MET B 382 -15.78 15.80 -18.89
N ILE B 383 -17.00 15.34 -19.33
CA ILE B 383 -17.23 14.98 -20.74
C ILE B 383 -16.98 16.14 -21.71
N LEU B 384 -17.30 17.40 -21.32
CA LEU B 384 -17.04 18.57 -22.15
C LEU B 384 -15.60 18.62 -22.56
N TYR B 385 -14.68 18.45 -21.61
CA TYR B 385 -13.22 18.37 -21.84
C TYR B 385 -12.85 17.21 -22.77
N ILE B 386 -13.47 16.01 -22.54
CA ILE B 386 -13.25 14.75 -23.27
C ILE B 386 -13.71 14.88 -24.72
N ASN B 387 -14.82 15.61 -24.91
CA ASN B 387 -15.46 15.85 -26.20
C ASN B 387 -14.62 16.86 -26.95
N LYS B 388 -14.07 17.87 -26.23
CA LYS B 388 -13.17 18.86 -26.82
C LYS B 388 -11.94 18.14 -27.34
N PHE B 389 -11.44 17.12 -26.63
CA PHE B 389 -10.27 16.33 -27.05
C PHE B 389 -10.61 15.43 -28.26
N ARG B 390 -11.85 14.92 -28.32
CA ARG B 390 -12.33 14.07 -29.41
C ARG B 390 -12.30 14.91 -30.67
N ALA B 391 -12.89 16.13 -30.61
CA ALA B 391 -12.93 17.13 -31.68
C ALA B 391 -11.53 17.35 -32.23
N HIS B 392 -10.54 17.58 -31.34
CA HIS B 392 -9.13 17.78 -31.65
C HIS B 392 -8.58 16.60 -32.43
N LEU B 393 -8.93 15.39 -32.04
CA LEU B 393 -8.44 14.23 -32.74
C LEU B 393 -9.16 14.05 -34.07
N ASP B 394 -10.45 14.38 -34.10
CA ASP B 394 -11.33 14.31 -35.27
C ASP B 394 -11.06 15.48 -36.25
N LYS B 395 -10.12 16.37 -35.88
CA LYS B 395 -9.67 17.58 -36.59
C LYS B 395 -10.74 18.70 -36.60
N ASN B 396 -11.98 18.35 -36.21
CA ASN B 396 -13.16 19.20 -36.13
C ASN B 396 -12.76 20.43 -35.24
N LYS B 397 -12.55 21.58 -35.89
CA LYS B 397 -12.18 22.85 -35.24
C LYS B 397 -13.43 23.57 -34.67
N PRO B 398 -14.63 23.61 -35.32
CA PRO B 398 -15.77 24.33 -34.71
C PRO B 398 -16.29 23.72 -33.41
N MET B 399 -16.28 22.36 -33.33
CA MET B 399 -16.73 21.63 -32.14
C MET B 399 -15.67 21.77 -31.03
N TYR B 400 -14.38 21.81 -31.40
CA TYR B 400 -13.25 22.03 -30.50
C TYR B 400 -13.35 23.39 -29.81
N PHE B 401 -13.93 24.36 -30.50
CA PHE B 401 -14.11 25.70 -29.99
C PHE B 401 -15.39 25.83 -29.18
N ASN B 402 -16.43 25.07 -29.55
CA ASN B 402 -17.72 25.10 -28.87
C ASN B 402 -17.67 24.49 -27.47
N TYR B 403 -16.95 23.37 -27.31
CA TYR B 403 -16.78 22.70 -26.03
C TYR B 403 -16.00 23.56 -25.07
N GLY B 404 -14.94 24.20 -25.57
CA GLY B 404 -14.16 25.18 -24.81
C GLY B 404 -15.04 26.30 -24.30
N ILE B 405 -15.95 26.84 -25.16
CA ILE B 405 -16.92 27.88 -24.81
C ILE B 405 -17.86 27.31 -23.76
N ALA B 406 -18.38 26.10 -23.99
CA ALA B 406 -19.31 25.42 -23.10
C ALA B 406 -18.75 25.27 -21.69
N ILE B 407 -17.49 24.78 -21.55
CA ILE B 407 -16.81 24.63 -20.25
C ILE B 407 -16.80 25.97 -19.53
N SER B 408 -16.23 27.01 -20.16
CA SER B 408 -16.16 28.37 -19.63
C SER B 408 -17.53 28.88 -19.15
N ASN B 409 -18.58 28.68 -19.95
CA ASN B 409 -19.95 29.10 -19.66
C ASN B 409 -20.53 28.32 -18.50
N LEU B 410 -20.32 26.98 -18.48
CA LEU B 410 -20.81 26.10 -17.41
C LEU B 410 -20.16 26.47 -16.06
N VAL B 411 -18.86 26.81 -16.07
CA VAL B 411 -18.13 27.25 -14.88
C VAL B 411 -18.65 28.64 -14.44
N LYS B 412 -18.84 29.59 -15.40
CA LYS B 412 -19.40 30.93 -15.14
C LYS B 412 -20.76 30.77 -14.45
N ALA B 413 -21.60 29.88 -15.02
CA ALA B 413 -22.94 29.58 -14.55
C ALA B 413 -22.95 29.10 -13.11
N ARG B 414 -22.13 28.08 -12.77
CA ARG B 414 -22.08 27.50 -11.41
C ARG B 414 -21.62 28.53 -10.38
N ASN B 415 -20.54 29.28 -10.69
CA ASN B 415 -19.99 30.32 -9.83
C ASN B 415 -21.06 31.35 -9.49
N ILE B 416 -21.68 31.96 -10.52
CA ILE B 416 -22.71 33.00 -10.32
C ILE B 416 -23.92 32.46 -9.50
N TYR B 417 -24.28 31.16 -9.65
CA TYR B 417 -25.39 30.56 -8.90
C TYR B 417 -25.09 30.50 -7.39
N LEU B 418 -23.88 30.05 -7.05
CA LEU B 418 -23.42 29.93 -5.68
C LEU B 418 -23.18 31.30 -5.07
N ASP B 419 -22.81 32.29 -5.88
CA ASP B 419 -22.62 33.67 -5.43
C ASP B 419 -23.96 34.32 -5.07
N GLN B 420 -25.00 34.06 -5.88
CA GLN B 420 -26.36 34.58 -5.68
C GLN B 420 -27.09 33.88 -4.53
N THR B 421 -26.80 32.59 -4.30
CA THR B 421 -27.47 31.79 -3.27
C THR B 421 -26.67 31.64 -1.96
N GLY B 422 -25.39 32.01 -1.97
CA GLY B 422 -24.47 31.91 -0.84
C GLY B 422 -24.20 30.47 -0.44
N LYS B 423 -24.34 29.53 -1.41
CA LYS B 423 -24.20 28.08 -1.26
C LYS B 423 -22.77 27.55 -1.45
N SER B 424 -22.60 26.23 -1.30
CA SER B 424 -21.32 25.53 -1.43
C SER B 424 -21.42 24.31 -2.34
N VAL B 425 -20.26 23.82 -2.80
CA VAL B 425 -20.13 22.66 -3.67
C VAL B 425 -20.60 21.36 -2.98
N LEU B 426 -20.85 21.40 -1.66
CA LEU B 426 -21.30 20.25 -0.89
C LEU B 426 -22.75 20.30 -0.48
N ASP B 427 -23.39 21.49 -0.56
CA ASP B 427 -24.81 21.66 -0.24
C ASP B 427 -25.62 20.94 -1.32
N ASN B 428 -26.79 20.39 -0.96
CA ASN B 428 -27.65 19.65 -1.89
C ASN B 428 -28.34 20.57 -2.91
N THR B 429 -27.55 20.95 -3.92
CA THR B 429 -27.92 21.75 -5.08
C THR B 429 -27.70 20.88 -6.30
N VAL B 430 -28.07 21.40 -7.47
CA VAL B 430 -27.90 20.68 -8.72
C VAL B 430 -26.41 20.61 -9.12
N PHE B 431 -25.60 21.61 -8.69
CA PHE B 431 -24.17 21.73 -8.98
C PHE B 431 -23.31 21.08 -7.91
N LYS B 432 -23.92 20.22 -7.07
CA LYS B 432 -23.24 19.49 -6.00
C LYS B 432 -22.09 18.64 -6.55
N GLU B 433 -20.97 18.64 -5.83
CA GLU B 433 -19.77 17.91 -6.17
C GLU B 433 -19.53 16.84 -5.11
N PHE B 434 -18.80 15.79 -5.50
CA PHE B 434 -18.46 14.65 -4.66
C PHE B 434 -19.72 13.89 -4.27
N ARG B 435 -20.54 13.58 -5.29
CA ARG B 435 -21.79 12.84 -5.16
C ARG B 435 -21.43 11.36 -4.96
N THR B 436 -22.31 10.67 -4.24
CA THR B 436 -22.15 9.24 -3.91
C THR B 436 -23.25 8.45 -4.61
N ASN B 437 -24.38 9.13 -4.83
CA ASN B 437 -25.61 8.69 -5.49
C ASN B 437 -25.28 8.46 -6.95
N CYS B 438 -25.37 7.20 -7.41
CA CYS B 438 -25.01 6.89 -8.77
C CYS B 438 -25.85 5.78 -9.38
N THR B 439 -25.83 5.66 -10.74
CA THR B 439 -26.59 4.65 -11.51
C THR B 439 -25.67 3.66 -12.25
N GLY B 440 -25.88 2.37 -12.01
CA GLY B 440 -25.11 1.37 -12.71
C GLY B 440 -24.39 0.40 -11.81
N ASN B 441 -24.26 -0.86 -12.26
CA ASN B 441 -23.55 -1.91 -11.56
C ASN B 441 -22.08 -1.71 -11.81
N THR B 442 -21.34 -1.35 -10.75
CA THR B 442 -19.89 -1.16 -10.81
C THR B 442 -19.19 -2.29 -10.06
N ILE B 443 -17.85 -2.35 -10.17
CA ILE B 443 -16.97 -3.36 -9.55
C ILE B 443 -15.68 -2.65 -9.13
N SER B 444 -15.13 -2.95 -7.93
CA SER B 444 -13.89 -2.37 -7.41
C SER B 444 -12.75 -2.62 -8.36
N PHE B 445 -11.79 -1.66 -8.46
CA PHE B 445 -10.62 -1.73 -9.34
C PHE B 445 -9.92 -3.07 -9.26
N THR B 446 -9.63 -3.51 -8.02
CA THR B 446 -8.97 -4.77 -7.67
C THR B 446 -9.70 -5.95 -8.33
N ARG B 447 -11.04 -5.94 -8.24
CA ARG B 447 -11.92 -6.95 -8.81
C ARG B 447 -11.82 -6.93 -10.35
N MET B 448 -11.91 -5.74 -10.94
CA MET B 448 -11.81 -5.46 -12.37
C MET B 448 -10.45 -5.94 -12.90
N ASN B 449 -9.37 -5.66 -12.14
CA ASN B 449 -7.99 -6.04 -12.47
C ASN B 449 -7.77 -7.55 -12.40
N ARG B 450 -8.20 -8.17 -11.27
CA ARG B 450 -8.01 -9.60 -11.05
C ARG B 450 -8.89 -10.43 -11.99
N LEU B 451 -10.10 -9.94 -12.30
CA LEU B 451 -10.98 -10.65 -13.22
C LEU B 451 -10.51 -10.57 -14.66
N ARG B 452 -10.04 -9.36 -15.11
CA ARG B 452 -9.51 -9.13 -16.46
C ARG B 452 -8.31 -10.05 -16.70
N LEU B 453 -7.40 -10.08 -15.72
CA LEU B 453 -6.21 -10.91 -15.72
C LEU B 453 -6.56 -12.38 -15.84
N LEU B 454 -7.58 -12.83 -15.10
CA LEU B 454 -8.03 -14.22 -15.12
C LEU B 454 -8.71 -14.61 -16.44
N GLU B 455 -9.40 -13.62 -17.09
CA GLU B 455 -10.05 -13.79 -18.38
C GLU B 455 -8.98 -14.02 -19.45
N LYS B 456 -7.98 -13.08 -19.56
CA LYS B 456 -6.86 -13.22 -20.50
C LYS B 456 -5.96 -14.41 -20.16
N ARG B 457 -5.96 -14.86 -18.87
CA ARG B 457 -5.20 -16.02 -18.37
C ARG B 457 -5.80 -17.31 -18.95
N LYS B 458 -7.14 -17.36 -19.03
CA LYS B 458 -7.88 -18.48 -19.59
C LYS B 458 -7.69 -18.49 -21.12
N GLN B 459 -7.60 -17.28 -21.72
CA GLN B 459 -7.37 -17.05 -23.15
C GLN B 459 -5.93 -17.38 -23.57
N GLY B 460 -5.01 -17.33 -22.61
CA GLY B 460 -3.59 -17.57 -22.84
C GLY B 460 -2.96 -16.38 -23.56
N LYS B 461 -3.45 -15.15 -23.27
CA LYS B 461 -2.97 -13.88 -23.84
C LYS B 461 -1.73 -13.32 -23.09
N GLN B 462 -1.12 -14.17 -22.21
CA GLN B 462 0.06 -13.95 -21.37
C GLN B 462 -0.22 -13.00 -20.19
N THR B 463 -0.24 -13.59 -18.98
CA THR B 463 -0.48 -12.93 -17.67
C THR B 463 0.47 -11.86 -17.17
N SER B 464 1.75 -12.23 -16.94
CA SER B 464 2.78 -11.32 -16.45
C SER B 464 3.97 -11.55 -17.37
N PHE B 465 4.49 -10.42 -17.91
CA PHE B 465 5.65 -10.34 -18.79
C PHE B 465 6.79 -9.80 -17.98
N VAL B 466 7.93 -10.48 -18.04
CA VAL B 466 9.13 -10.10 -17.29
C VAL B 466 10.35 -10.04 -18.23
N TYR B 467 11.23 -9.05 -18.00
CA TYR B 467 12.48 -8.85 -18.71
C TYR B 467 13.57 -8.56 -17.67
N THR B 468 14.54 -9.45 -17.57
CA THR B 468 15.67 -9.30 -16.66
C THR B 468 16.91 -9.29 -17.57
N PRO B 469 17.38 -8.08 -18.04
CA PRO B 469 18.51 -8.05 -19.00
C PRO B 469 19.72 -8.90 -18.60
N GLU B 470 20.09 -8.92 -17.30
CA GLU B 470 21.20 -9.72 -16.77
C GLU B 470 21.05 -11.19 -17.11
N ASP B 471 19.84 -11.73 -16.90
CA ASP B 471 19.47 -13.12 -17.20
C ASP B 471 19.32 -13.37 -18.71
N PHE B 472 18.78 -12.38 -19.43
CA PHE B 472 18.55 -12.42 -20.89
C PHE B 472 19.88 -12.45 -21.65
N PHE B 473 20.89 -11.73 -21.14
CA PHE B 473 22.21 -11.65 -21.76
C PHE B 473 23.16 -12.78 -21.33
N LYS B 474 22.67 -13.68 -20.45
CA LYS B 474 23.39 -14.89 -20.04
C LYS B 474 23.00 -15.99 -21.05
N LYS B 475 21.95 -15.72 -21.86
CA LYS B 475 21.40 -16.59 -22.90
C LYS B 475 22.01 -16.35 -24.27
N ASP B 476 21.98 -17.40 -25.11
CA ASP B 476 22.48 -17.46 -26.49
C ASP B 476 21.75 -16.47 -27.42
N LEU B 477 22.39 -16.08 -28.54
CA LEU B 477 21.85 -15.14 -29.54
C LEU B 477 20.58 -15.65 -30.24
N GLU B 478 20.38 -16.98 -30.28
CA GLU B 478 19.22 -17.67 -30.85
C GLU B 478 17.97 -17.38 -30.01
N THR B 479 18.08 -17.52 -28.66
CA THR B 479 17.00 -17.22 -27.71
C THR B 479 16.76 -15.71 -27.65
N GLN B 480 17.86 -14.90 -27.70
CA GLN B 480 17.82 -13.44 -27.70
C GLN B 480 17.02 -12.93 -28.90
N ALA B 481 17.11 -13.64 -30.04
CA ALA B 481 16.38 -13.33 -31.28
C ALA B 481 14.87 -13.58 -31.14
N LYS B 482 14.47 -14.53 -30.27
CA LYS B 482 13.06 -14.87 -30.05
C LYS B 482 12.23 -13.72 -29.46
N LEU B 483 12.85 -12.84 -28.64
CA LEU B 483 12.16 -11.71 -28.04
C LEU B 483 11.92 -10.57 -29.02
N ASP B 484 10.63 -10.29 -29.30
CA ASP B 484 10.23 -9.19 -30.17
C ASP B 484 9.15 -8.31 -29.54
N PRO B 485 9.49 -7.06 -29.17
CA PRO B 485 8.50 -6.16 -28.57
C PRO B 485 7.50 -5.58 -29.58
N SER B 486 7.80 -5.66 -30.90
CA SER B 486 6.89 -5.18 -31.95
C SER B 486 5.64 -6.07 -31.99
N LYS B 487 5.81 -7.37 -31.68
CA LYS B 487 4.77 -8.38 -31.65
C LYS B 487 4.11 -8.42 -30.24
N ALA B 488 3.43 -7.31 -29.87
CA ALA B 488 2.69 -7.11 -28.63
C ALA B 488 1.37 -6.47 -28.98
N ARG B 489 0.28 -7.02 -28.43
CA ARG B 489 -1.06 -6.54 -28.73
C ARG B 489 -1.66 -5.72 -27.60
N PHE B 490 -2.44 -4.69 -27.97
CA PHE B 490 -3.12 -3.77 -27.07
C PHE B 490 -4.54 -3.49 -27.52
N LYS B 491 -5.43 -3.19 -26.55
CA LYS B 491 -6.82 -2.82 -26.81
C LYS B 491 -6.89 -1.52 -27.61
N ASN B 492 -7.63 -1.58 -28.72
CA ASN B 492 -7.85 -0.47 -29.64
C ASN B 492 -8.68 0.61 -28.95
N THR B 493 -8.01 1.65 -28.47
CA THR B 493 -8.67 2.74 -27.77
C THR B 493 -8.38 4.06 -28.51
N SER B 494 -8.55 4.03 -29.85
CA SER B 494 -8.29 5.16 -30.76
C SER B 494 -9.37 6.26 -30.78
N GLY B 495 -10.61 5.88 -30.56
CA GLY B 495 -11.75 6.80 -30.62
C GLY B 495 -12.26 6.94 -32.05
N ASN B 496 -11.69 6.09 -32.96
CA ASN B 496 -11.90 5.98 -34.38
C ASN B 496 -13.14 5.23 -34.74
N LYS B 497 -13.79 5.60 -35.87
CA LYS B 497 -14.95 4.91 -36.41
C LYS B 497 -14.55 3.50 -36.78
N ILE B 498 -15.37 2.54 -36.35
CA ILE B 498 -15.16 1.13 -36.62
C ILE B 498 -15.60 0.94 -38.05
N MET B 499 -14.63 0.67 -38.95
CA MET B 499 -14.84 0.50 -40.39
C MET B 499 -15.18 -0.97 -40.64
N VAL B 500 -14.16 -1.86 -40.52
CA VAL B 500 -14.24 -3.31 -40.72
C VAL B 500 -15.40 -3.92 -39.89
N PRO B 501 -16.27 -4.75 -40.50
CA PRO B 501 -17.43 -5.28 -39.75
C PRO B 501 -17.10 -6.30 -38.66
N LYS B 502 -15.97 -7.02 -38.75
CA LYS B 502 -15.61 -7.99 -37.71
C LYS B 502 -15.23 -7.30 -36.38
N TYR B 503 -15.09 -5.95 -36.38
CA TYR B 503 -14.81 -5.19 -35.18
C TYR B 503 -16.05 -4.38 -34.73
N LEU B 504 -17.12 -4.40 -35.54
CA LEU B 504 -18.39 -3.74 -35.23
C LEU B 504 -19.15 -4.57 -34.17
N LEU B 505 -19.76 -3.89 -33.16
CA LEU B 505 -20.50 -4.58 -32.09
C LEU B 505 -21.90 -4.97 -32.53
N PHE B 506 -22.44 -4.25 -33.49
CA PHE B 506 -23.77 -4.51 -34.02
C PHE B 506 -23.73 -4.88 -35.51
N LYS B 507 -24.78 -5.61 -35.96
CA LYS B 507 -25.00 -6.07 -37.35
C LYS B 507 -26.39 -5.64 -37.83
N ILE B 508 -26.50 -5.12 -39.06
CA ILE B 508 -27.82 -4.80 -39.65
C ILE B 508 -28.20 -5.93 -40.63
N ASP B 509 -29.23 -6.75 -40.29
CA ASP B 509 -29.73 -7.85 -41.11
C ASP B 509 -30.50 -7.36 -42.33
N ASN B 510 -30.62 -8.21 -43.38
CA ASN B 510 -31.27 -7.90 -44.68
C ASN B 510 -32.68 -7.26 -44.56
N ASN B 511 -33.46 -7.68 -43.54
CA ASN B 511 -34.80 -7.16 -43.25
C ASN B 511 -34.76 -5.69 -42.78
N GLY B 512 -33.55 -5.19 -42.50
CA GLY B 512 -33.27 -3.84 -42.06
C GLY B 512 -33.04 -3.70 -40.58
N ASN B 513 -33.18 -4.80 -39.81
CA ASN B 513 -33.12 -4.79 -38.35
C ASN B 513 -31.69 -4.89 -37.78
N ILE B 514 -31.54 -4.58 -36.48
CA ILE B 514 -30.31 -4.56 -35.72
C ILE B 514 -30.11 -5.88 -34.96
N GLU B 515 -28.85 -6.28 -34.80
CA GLU B 515 -28.47 -7.53 -34.13
C GLU B 515 -27.10 -7.39 -33.46
N ASP B 516 -26.84 -8.23 -32.45
CA ASP B 516 -25.56 -8.25 -31.77
C ASP B 516 -24.59 -9.02 -32.69
N ASN B 517 -23.51 -8.37 -33.10
CA ASN B 517 -22.52 -8.99 -33.96
C ASN B 517 -21.72 -10.04 -33.19
N ILE B 518 -21.55 -11.26 -33.75
CA ILE B 518 -20.74 -12.32 -33.13
C ILE B 518 -19.39 -12.32 -33.86
N HIS B 519 -18.58 -11.33 -33.48
CA HIS B 519 -17.31 -10.89 -34.02
C HIS B 519 -16.13 -11.30 -33.11
N SER B 520 -14.96 -10.66 -33.37
CA SER B 520 -13.68 -10.75 -32.67
C SER B 520 -13.24 -9.44 -31.98
N GLU B 521 -12.52 -9.62 -30.84
CA GLU B 521 -11.86 -8.65 -29.97
C GLU B 521 -10.78 -7.86 -30.75
N GLU B 522 -10.86 -6.53 -30.64
CA GLU B 522 -10.08 -5.48 -31.31
C GLU B 522 -8.74 -5.20 -30.63
N ALA B 523 -7.77 -6.10 -30.85
CA ALA B 523 -6.43 -6.01 -30.28
C ALA B 523 -5.37 -5.53 -31.30
N GLU B 524 -5.16 -4.18 -31.43
CA GLU B 524 -4.10 -3.63 -32.32
C GLU B 524 -2.67 -3.89 -31.82
N ILE B 525 -1.74 -4.11 -32.78
CA ILE B 525 -0.31 -4.40 -32.60
C ILE B 525 0.53 -3.14 -32.28
N SER B 526 1.55 -3.28 -31.39
CA SER B 526 2.41 -2.21 -30.86
C SER B 526 3.12 -1.36 -31.93
N GLU B 527 3.64 -2.02 -32.99
CA GLU B 527 4.37 -1.49 -34.16
C GLU B 527 3.98 -0.06 -34.58
#